data_5Y1V
#
_entry.id   5Y1V
#
_cell.length_a   74.588
_cell.length_b   109.394
_cell.length_c   112.630
_cell.angle_alpha   90.000
_cell.angle_beta   90.000
_cell.angle_gamma   90.000
#
_symmetry.space_group_name_H-M   'P 21 21 21'
#
loop_
_entity.id
_entity.type
_entity.pdbx_description
1 polymer 'M1 family aminopeptidase'
2 non-polymer 'ZINC ION'
3 non-polymer 'MAGNESIUM ION'
4 non-polymer (2R)-2-[(2,6-diethylphenyl)carbamoylamino]-4-methyl-N-oxidanyl-pentanamide
5 non-polymer GLYCEROL
6 water water
#
_entity_poly.entity_id   1
_entity_poly.type   'polypeptide(L)'
_entity_poly.pdbx_seq_one_letter_code
;MGSSHHHHHHSSGLVPRGSHMASEPKIHYRKDYKPSGFIINNVTLNINIHDNETIVRSVLDMDISKHNVGEDLVFDGVGL
KINEISINNKKLVEGEEYTYDNEFLTIFSKFVPKSKFAFSSEVIIHPETNYALTGLYKSKNIIVSQCEATGFRRITFFID
RPDMMAKYDVTVTADKEKYPVLLSNGDKVNEFEIPGGRHGARFNDPHLKPCYLFAVVAGDLKHLSATYITKYTKKKVELY
VFSEEKYVSKLQWALECLKKSMAFDEDYFGLEYDLSRLNLVAVSDFNVGAMENKGLNIFNANSLLASKKNSIDFSYARIL
TVVGHEYFHNYTGNRVTLRDWFQLTLKEGLTVHRENLFSEEMTKTVTTRLSHVDLLRSVQFLEDSSPLSHPIRPESYVSM
ENFYTTTVYDKGSEVMRMYLTILGEEYYKKGFDIYIKKNDGNTATCEDFNYAMEQAYKMKKADNSANLNQYLLWFSQSGT
PHVSFKYNYDAEKKQYSIHVNQYTKPDENQKEKKPLFIPISVGLINPENGKEMISQTTLELTKESDTFVFNNIAVKPIPS
LFRGFSAPVYIEDNLTDEERILLLKYDSDAFVRYNSCTNIYMKQILMNYNEFLKAKNEKLESFNLTPVNAQFIDAIKYLL
EDPHADAGFKSYIVSLPQDRYIINFVSNLDTDVLADTKEYIYKQIGDKLNDVYYKMFKSLEAKADDLTYFNDESHVDFDQ
MNMRTLRNTLLSLLSKAQYPNILNEIIEHSKSPYPSNWLTSLSVSAYFDKYFELYDKTYKLSKDDELLLQEWLKTVSRSD
RKDIYEILKKLENEVLKDSKNPNDIRAVYLPFTNNLRRFHDISGKGYKLIAEVITKTDKFNPMVATQLCEPFKLWNKLDT
KRQELMLNEMNTMLQEPNISNNLKEYLLRLTNKL
;
_entity_poly.pdbx_strand_id   A
#
loop_
_chem_comp.id
_chem_comp.type
_chem_comp.name
_chem_comp.formula
8LO non-polymer (2R)-2-[(2,6-diethylphenyl)carbamoylamino]-4-methyl-N-oxidanyl-pentanamide 'C17 H27 N3 O3'
GOL non-polymer GLYCEROL 'C3 H8 O3'
MG non-polymer 'MAGNESIUM ION' 'Mg 2'
ZN non-polymer 'ZINC ION' 'Zn 2'
#
# COMPACT_ATOMS: atom_id res chain seq x y z
N PRO A 25 23.42 -9.20 14.52
CA PRO A 25 22.78 -9.01 13.22
C PRO A 25 23.62 -8.26 12.16
N LYS A 26 23.53 -8.71 10.89
CA LYS A 26 24.31 -8.15 9.75
C LYS A 26 23.70 -6.87 9.06
N ILE A 27 24.39 -5.71 9.16
CA ILE A 27 23.88 -4.36 8.75
C ILE A 27 24.48 -3.75 7.45
N HIS A 28 23.64 -3.40 6.46
CA HIS A 28 24.07 -2.67 5.25
C HIS A 28 23.87 -1.13 5.39
N TYR A 29 24.82 -0.32 4.94
CA TYR A 29 24.80 1.14 5.06
C TYR A 29 24.77 1.83 3.72
N ARG A 30 23.83 2.78 3.51
CA ARG A 30 23.72 3.38 2.22
C ARG A 30 25.04 3.99 1.72
N LYS A 31 25.83 4.62 2.60
CA LYS A 31 27.05 5.29 2.16
C LYS A 31 28.17 4.33 1.63
N ASP A 32 28.04 3.06 1.98
CA ASP A 32 29.01 2.05 1.61
C ASP A 32 28.75 1.41 0.23
N TYR A 33 27.77 1.85 -0.52
CA TYR A 33 27.57 1.32 -1.87
C TYR A 33 28.86 1.39 -2.70
N LYS A 34 29.21 0.25 -3.32
CA LYS A 34 30.25 0.18 -4.34
C LYS A 34 29.85 -0.79 -5.45
N PRO A 35 30.29 -0.48 -6.68
CA PRO A 35 29.95 -1.35 -7.79
C PRO A 35 30.71 -2.67 -7.61
N SER A 36 30.14 -3.73 -8.14
CA SER A 36 30.78 -5.06 -8.11
C SER A 36 32.05 -5.13 -8.93
N GLY A 37 32.90 -6.02 -8.48
CA GLY A 37 34.09 -6.39 -9.23
C GLY A 37 33.82 -7.38 -10.36
N PHE A 38 32.56 -7.77 -10.56
CA PHE A 38 32.18 -8.75 -11.54
C PHE A 38 31.03 -8.14 -12.36
N ILE A 39 30.85 -8.70 -13.54
CA ILE A 39 29.74 -8.43 -14.43
C ILE A 39 29.10 -9.75 -14.83
N ILE A 40 27.74 -9.84 -14.83
CA ILE A 40 27.01 -10.93 -15.39
C ILE A 40 26.33 -10.35 -16.62
N ASN A 41 26.66 -10.87 -17.79
CA ASN A 41 26.05 -10.41 -19.05
C ASN A 41 24.86 -11.15 -19.55
N ASN A 42 24.94 -12.48 -19.44
CA ASN A 42 23.87 -13.37 -19.90
C ASN A 42 23.69 -14.46 -18.90
N VAL A 43 22.40 -14.81 -18.77
CA VAL A 43 21.94 -15.88 -17.92
C VAL A 43 21.16 -16.88 -18.77
N THR A 44 21.57 -18.12 -18.77
CA THR A 44 20.91 -19.18 -19.50
C THR A 44 20.43 -20.28 -18.55
N LEU A 45 19.12 -20.30 -18.30
CA LEU A 45 18.50 -21.20 -17.32
C LEU A 45 17.75 -22.33 -17.97
N ASN A 46 17.83 -23.48 -17.33
CA ASN A 46 16.94 -24.61 -17.58
C ASN A 46 16.29 -24.98 -16.25
N ILE A 47 14.98 -24.88 -16.13
CA ILE A 47 14.28 -25.09 -14.91
C ILE A 47 13.41 -26.32 -15.17
N ASN A 48 13.73 -27.47 -14.57
CA ASN A 48 13.07 -28.71 -14.93
C ASN A 48 12.30 -29.15 -13.67
N ILE A 49 10.98 -29.01 -13.80
CA ILE A 49 10.03 -29.21 -12.68
C ILE A 49 9.65 -30.67 -12.68
N HIS A 50 9.78 -31.32 -11.50
CA HIS A 50 9.25 -32.69 -11.27
C HIS A 50 8.36 -32.67 -10.00
N ASP A 51 7.64 -33.78 -9.72
CA ASP A 51 6.80 -33.85 -8.57
C ASP A 51 7.50 -33.52 -7.26
N ASN A 52 8.68 -34.08 -7.07
CA ASN A 52 9.35 -34.01 -5.81
C ASN A 52 10.64 -33.28 -5.84
N GLU A 53 10.92 -32.52 -6.89
CA GLU A 53 12.12 -31.72 -6.93
C GLU A 53 12.05 -30.89 -8.20
N THR A 54 12.72 -29.72 -8.16
CA THR A 54 12.94 -28.96 -9.40
C THR A 54 14.43 -28.83 -9.54
N ILE A 55 14.99 -29.11 -10.74
CA ILE A 55 16.43 -28.99 -11.00
C ILE A 55 16.66 -27.74 -11.82
N VAL A 56 17.58 -26.93 -11.37
CA VAL A 56 17.84 -25.64 -12.04
C VAL A 56 19.30 -25.65 -12.50
N ARG A 57 19.47 -25.66 -13.83
CA ARG A 57 20.78 -25.53 -14.43
C ARG A 57 20.94 -24.12 -14.95
N SER A 58 22.05 -23.49 -14.62
CA SER A 58 22.26 -22.13 -14.96
C SER A 58 23.68 -21.86 -15.45
N VAL A 59 23.78 -21.16 -16.57
CA VAL A 59 25.08 -20.69 -17.12
C VAL A 59 25.10 -19.20 -17.03
N LEU A 60 26.08 -18.66 -16.31
CA LEU A 60 26.27 -17.24 -16.23
C LEU A 60 27.48 -16.89 -17.11
N ASP A 61 27.26 -16.06 -18.14
CA ASP A 61 28.37 -15.51 -18.89
CA ASP A 61 28.30 -15.45 -19.00
C ASP A 61 28.83 -14.25 -18.21
N MET A 62 30.02 -14.38 -17.61
CA MET A 62 30.58 -13.43 -16.65
C MET A 62 31.83 -12.79 -17.11
N ASP A 63 32.19 -11.75 -16.40
CA ASP A 63 33.50 -11.05 -16.69
C ASP A 63 33.87 -10.30 -15.45
N ILE A 64 35.10 -9.81 -15.46
CA ILE A 64 35.68 -9.00 -14.42
C ILE A 64 35.39 -7.55 -14.81
N SER A 65 34.96 -6.70 -13.86
CA SER A 65 34.72 -5.29 -14.13
C SER A 65 35.96 -4.44 -13.87
N LYS A 66 35.82 -3.17 -14.19
CA LYS A 66 36.94 -2.23 -14.00
C LYS A 66 37.20 -2.00 -12.51
N HIS A 67 36.31 -2.42 -11.61
CA HIS A 67 36.44 -2.25 -10.20
C HIS A 67 37.06 -3.46 -9.51
N ASN A 68 37.28 -4.54 -10.27
CA ASN A 68 37.86 -5.73 -9.67
C ASN A 68 39.26 -5.48 -9.08
N VAL A 69 39.48 -6.06 -7.91
CA VAL A 69 40.79 -6.05 -7.21
C VAL A 69 41.25 -7.44 -6.87
N GLY A 70 40.87 -8.42 -7.69
CA GLY A 70 41.29 -9.80 -7.46
C GLY A 70 40.65 -10.49 -6.27
N GLU A 71 39.44 -10.04 -5.90
CA GLU A 71 38.68 -10.65 -4.85
C GLU A 71 38.08 -12.00 -5.22
N ASP A 72 37.80 -12.77 -4.19
CA ASP A 72 36.95 -13.96 -4.26
C ASP A 72 35.64 -13.58 -4.98
N LEU A 73 35.12 -14.55 -5.67
CA LEU A 73 33.83 -14.44 -6.35
C LEU A 73 32.80 -15.04 -5.43
N VAL A 74 31.87 -14.19 -4.92
CA VAL A 74 30.92 -14.66 -3.96
C VAL A 74 29.52 -14.45 -4.51
N PHE A 75 28.81 -15.55 -4.54
CA PHE A 75 27.42 -15.62 -5.01
C PHE A 75 26.54 -15.78 -3.78
N ASP A 76 25.36 -15.12 -3.85
CA ASP A 76 24.25 -15.44 -3.03
C ASP A 76 23.59 -16.74 -3.48
N GLY A 77 23.20 -17.59 -2.55
CA GLY A 77 22.48 -18.77 -2.81
C GLY A 77 21.99 -19.42 -1.58
N VAL A 78 20.68 -19.38 -1.37
CA VAL A 78 20.05 -19.73 -0.11
C VAL A 78 19.25 -20.98 -0.25
N GLY A 79 19.60 -21.96 0.55
CA GLY A 79 18.85 -23.23 0.55
C GLY A 79 18.95 -24.14 -0.67
N LEU A 80 20.02 -23.98 -1.45
CA LEU A 80 20.19 -24.71 -2.65
C LEU A 80 20.99 -25.99 -2.40
N LYS A 81 20.59 -27.06 -3.05
CA LYS A 81 21.41 -28.33 -2.96
C LYS A 81 22.26 -28.43 -4.25
N ILE A 82 23.58 -28.40 -4.10
CA ILE A 82 24.43 -28.38 -5.25
C ILE A 82 24.58 -29.72 -5.90
N ASN A 83 24.37 -29.82 -7.22
CA ASN A 83 24.71 -31.01 -7.95
C ASN A 83 26.10 -30.85 -8.55
N GLU A 84 26.35 -29.67 -9.17
CA GLU A 84 27.62 -29.40 -9.74
C GLU A 84 27.92 -27.94 -9.91
N ILE A 85 29.20 -27.60 -9.88
CA ILE A 85 29.69 -26.26 -10.10
C ILE A 85 30.88 -26.35 -11.03
N SER A 86 30.95 -25.46 -12.02
CA SER A 86 32.19 -25.37 -12.84
C SER A 86 32.44 -23.97 -13.37
N ILE A 87 33.69 -23.71 -13.77
CA ILE A 87 34.08 -22.51 -14.47
C ILE A 87 34.81 -22.97 -15.73
N ASN A 88 34.34 -22.51 -16.85
CA ASN A 88 34.93 -22.86 -18.19
C ASN A 88 35.06 -24.35 -18.34
N ASN A 89 34.04 -25.09 -17.86
CA ASN A 89 33.95 -26.50 -17.97
C ASN A 89 34.93 -27.26 -17.13
N LYS A 90 35.50 -26.60 -16.16
CA LYS A 90 36.34 -27.28 -15.15
C LYS A 90 35.54 -27.42 -13.87
N LYS A 91 35.31 -28.65 -13.40
CA LYS A 91 34.54 -28.90 -12.20
C LYS A 91 35.23 -28.28 -11.01
N LEU A 92 34.55 -27.52 -10.14
CA LEU A 92 35.09 -27.07 -8.90
C LEU A 92 34.58 -27.91 -7.75
N VAL A 93 35.45 -28.12 -6.79
CA VAL A 93 35.14 -29.03 -5.66
C VAL A 93 35.09 -28.34 -4.31
N GLU A 94 34.14 -28.72 -3.47
CA GLU A 94 33.93 -28.15 -2.22
C GLU A 94 35.13 -28.39 -1.31
N GLY A 95 35.57 -27.32 -0.63
CA GLY A 95 36.79 -27.37 0.22
C GLY A 95 38.07 -27.21 -0.53
N GLU A 96 38.06 -27.20 -1.84
CA GLU A 96 39.25 -27.00 -2.63
C GLU A 96 39.15 -25.76 -3.43
N GLU A 97 38.13 -25.64 -4.27
CA GLU A 97 38.01 -24.39 -5.04
C GLU A 97 36.87 -23.47 -4.51
N TYR A 98 35.94 -24.03 -3.75
CA TYR A 98 34.79 -23.25 -3.26
C TYR A 98 34.40 -23.65 -1.90
N THR A 99 33.64 -22.77 -1.26
CA THR A 99 32.89 -23.12 -0.05
C THR A 99 31.43 -22.70 -0.18
N TYR A 100 30.57 -23.47 0.43
CA TYR A 100 29.10 -23.15 0.42
C TYR A 100 28.51 -23.45 1.81
N ASP A 101 27.89 -22.43 2.43
CA ASP A 101 27.38 -22.51 3.79
C ASP A 101 25.86 -22.37 3.80
N ASN A 102 25.22 -22.64 2.65
CA ASN A 102 23.74 -22.55 2.52
C ASN A 102 23.24 -21.13 2.39
N GLU A 103 24.12 -20.15 2.35
CA GLU A 103 23.83 -18.71 2.13
C GLU A 103 24.69 -18.03 1.03
N PHE A 104 25.99 -18.29 1.07
CA PHE A 104 26.99 -17.74 0.16
C PHE A 104 27.85 -18.86 -0.40
N LEU A 105 28.05 -18.81 -1.69
CA LEU A 105 29.01 -19.63 -2.44
C LEU A 105 30.18 -18.78 -2.74
N THR A 106 31.37 -19.19 -2.18
CA THR A 106 32.59 -18.45 -2.39
C THR A 106 33.50 -19.25 -3.27
N ILE A 107 33.89 -18.68 -4.36
CA ILE A 107 34.85 -19.29 -5.30
C ILE A 107 36.14 -18.57 -4.95
N PHE A 108 37.16 -19.28 -4.49
CA PHE A 108 38.41 -18.62 -4.17
C PHE A 108 39.07 -18.01 -5.37
N SER A 109 39.66 -16.80 -5.13
CA SER A 109 40.14 -15.92 -6.18
C SER A 109 41.13 -16.56 -7.21
N LYS A 110 41.97 -17.47 -6.74
CA LYS A 110 42.83 -18.20 -7.68
C LYS A 110 42.18 -18.94 -8.79
N PHE A 111 40.89 -19.34 -8.59
CA PHE A 111 40.12 -20.05 -9.58
C PHE A 111 39.13 -19.20 -10.35
N VAL A 112 39.17 -17.89 -10.09
CA VAL A 112 38.33 -16.93 -10.76
C VAL A 112 39.08 -16.37 -11.95
N PRO A 113 38.61 -16.59 -13.17
CA PRO A 113 39.31 -16.07 -14.35
C PRO A 113 39.49 -14.58 -14.39
N LYS A 114 40.45 -14.12 -15.20
CA LYS A 114 40.65 -12.67 -15.34
C LYS A 114 40.02 -12.02 -16.54
N SER A 115 39.30 -12.78 -17.34
CA SER A 115 38.58 -12.29 -18.50
C SER A 115 37.30 -13.11 -18.65
N LYS A 116 36.56 -12.83 -19.69
CA LYS A 116 35.25 -13.45 -19.91
C LYS A 116 35.28 -14.91 -19.57
N PHE A 117 34.33 -15.39 -18.72
CA PHE A 117 34.26 -16.80 -18.35
C PHE A 117 32.81 -17.26 -18.21
N ALA A 118 32.62 -18.56 -18.23
CA ALA A 118 31.29 -19.21 -18.10
C ALA A 118 31.28 -19.88 -16.74
N PHE A 119 30.32 -19.50 -15.89
CA PHE A 119 30.11 -20.13 -14.63
C PHE A 119 28.86 -20.94 -14.75
N SER A 120 28.97 -22.20 -14.37
CA SER A 120 27.85 -23.17 -14.50
C SER A 120 27.52 -23.75 -13.14
N SER A 121 26.23 -23.75 -12.76
CA SER A 121 25.79 -24.52 -11.64
C SER A 121 24.56 -25.31 -11.98
N GLU A 122 24.38 -26.41 -11.22
CA GLU A 122 23.10 -27.12 -11.21
C GLU A 122 22.77 -27.37 -9.78
N VAL A 123 21.53 -27.01 -9.41
CA VAL A 123 21.04 -27.16 -8.04
C VAL A 123 19.67 -27.77 -8.05
N ILE A 124 19.29 -28.29 -6.89
CA ILE A 124 17.96 -28.82 -6.65
C ILE A 124 17.27 -27.95 -5.56
N ILE A 125 16.03 -27.59 -5.88
CA ILE A 125 15.11 -26.81 -4.98
C ILE A 125 13.78 -27.58 -4.97
N HIS A 126 12.88 -27.12 -4.06
CA HIS A 126 11.66 -27.86 -3.75
C HIS A 126 10.50 -26.92 -3.61
N PRO A 127 9.98 -26.42 -4.74
CA PRO A 127 8.80 -25.49 -4.63
C PRO A 127 7.62 -26.05 -3.85
N GLU A 128 7.45 -27.36 -3.91
CA GLU A 128 6.33 -28.04 -3.21
C GLU A 128 6.39 -27.92 -1.69
N THR A 129 7.55 -27.61 -1.10
CA THR A 129 7.72 -27.40 0.33
C THR A 129 8.06 -25.96 0.68
N ASN A 130 7.97 -25.01 -0.29
CA ASN A 130 8.35 -23.65 -0.02
C ASN A 130 7.13 -22.84 0.42
N TYR A 131 6.87 -22.84 1.71
CA TYR A 131 5.69 -22.18 2.21
C TYR A 131 5.90 -20.74 2.57
N ALA A 132 7.09 -20.21 2.33
CA ALA A 132 7.48 -18.86 2.59
C ALA A 132 7.15 -17.95 1.40
N LEU A 133 6.88 -18.58 0.25
CA LEU A 133 6.36 -17.87 -0.96
C LEU A 133 7.33 -16.87 -1.48
N THR A 134 8.63 -17.23 -1.36
CA THR A 134 9.76 -16.40 -1.89
C THR A 134 10.67 -17.38 -2.62
N GLY A 135 11.17 -17.03 -3.77
CA GLY A 135 11.88 -17.96 -4.64
C GLY A 135 10.85 -18.67 -5.49
N LEU A 136 11.05 -19.94 -5.76
CA LEU A 136 10.16 -20.74 -6.54
C LEU A 136 9.24 -21.59 -5.66
N TYR A 137 7.92 -21.48 -5.79
CA TYR A 137 7.03 -22.12 -4.89
C TYR A 137 5.79 -22.66 -5.52
N LYS A 138 5.03 -23.53 -4.86
CA LYS A 138 3.76 -23.99 -5.34
C LYS A 138 2.61 -23.32 -4.64
N SER A 139 1.70 -22.82 -5.45
CA SER A 139 0.45 -22.23 -4.94
C SER A 139 -0.69 -23.02 -5.54
N LYS A 140 -1.31 -23.84 -4.73
CA LYS A 140 -2.33 -24.79 -5.25
C LYS A 140 -1.73 -25.67 -6.33
N ASN A 141 -2.21 -25.56 -7.52
CA ASN A 141 -1.63 -26.39 -8.56
C ASN A 141 -0.76 -25.57 -9.52
N ILE A 142 -0.30 -24.38 -9.11
CA ILE A 142 0.55 -23.54 -9.95
C ILE A 142 1.95 -23.46 -9.34
N ILE A 143 2.96 -23.61 -10.17
CA ILE A 143 4.35 -23.25 -9.72
C ILE A 143 4.63 -21.85 -10.17
N VAL A 144 5.13 -21.03 -9.26
CA VAL A 144 5.32 -19.58 -9.49
C VAL A 144 6.53 -19.10 -8.75
N SER A 145 7.16 -18.03 -9.25
CA SER A 145 8.24 -17.40 -8.53
C SER A 145 7.86 -16.08 -7.94
N GLN A 146 8.60 -15.72 -6.88
CA GLN A 146 8.64 -14.35 -6.42
C GLN A 146 10.05 -14.05 -6.07
N CYS A 147 10.70 -13.13 -6.77
CA CYS A 147 12.12 -12.83 -6.60
C CYS A 147 12.45 -11.51 -5.92
N GLU A 148 11.60 -10.49 -6.01
CA GLU A 148 11.91 -9.22 -5.33
C GLU A 148 11.64 -9.46 -3.83
N ALA A 149 12.56 -9.06 -2.94
CA ALA A 149 13.88 -8.41 -3.26
C ALA A 149 14.99 -9.45 -3.38
N THR A 150 14.98 -10.42 -2.49
CA THR A 150 16.13 -11.36 -2.37
C THR A 150 15.78 -12.80 -2.67
N GLY A 151 14.73 -13.03 -3.44
CA GLY A 151 14.33 -14.35 -3.77
C GLY A 151 15.04 -15.09 -4.88
N PHE A 152 15.63 -14.39 -5.86
CA PHE A 152 16.26 -15.11 -6.95
C PHE A 152 17.37 -16.04 -6.41
N ARG A 153 18.05 -15.62 -5.34
CA ARG A 153 19.09 -16.48 -4.75
C ARG A 153 18.53 -17.75 -4.13
N ARG A 154 17.19 -17.88 -3.95
CA ARG A 154 16.58 -19.16 -3.54
C ARG A 154 16.24 -20.06 -4.70
N ILE A 155 16.53 -19.63 -5.92
CA ILE A 155 16.30 -20.35 -7.17
C ILE A 155 17.66 -20.92 -7.69
N THR A 156 18.63 -20.02 -7.75
CA THR A 156 19.96 -20.31 -8.26
C THR A 156 20.95 -19.31 -7.73
N PHE A 157 22.26 -19.58 -7.96
CA PHE A 157 23.29 -18.69 -7.53
C PHE A 157 23.35 -17.41 -8.34
N PHE A 158 23.54 -16.29 -7.65
CA PHE A 158 23.64 -15.02 -8.37
C PHE A 158 24.30 -14.01 -7.47
N ILE A 159 24.78 -12.93 -8.05
CA ILE A 159 25.16 -11.72 -7.30
C ILE A 159 23.88 -10.91 -7.24
N ASP A 160 23.09 -11.23 -6.23
CA ASP A 160 21.60 -10.91 -6.18
C ASP A 160 21.40 -9.53 -5.57
N ARG A 161 21.64 -8.56 -6.40
CA ARG A 161 21.49 -7.15 -6.12
C ARG A 161 21.14 -6.41 -7.44
N PRO A 162 20.42 -5.29 -7.34
CA PRO A 162 19.77 -4.81 -8.55
C PRO A 162 20.62 -4.10 -9.57
N ASP A 163 21.91 -3.83 -9.21
CA ASP A 163 22.77 -3.24 -10.20
C ASP A 163 23.42 -4.27 -11.13
N MET A 164 23.16 -5.56 -10.88
CA MET A 164 23.74 -6.64 -11.73
C MET A 164 22.81 -6.99 -12.82
N MET A 165 22.85 -6.22 -13.90
CA MET A 165 21.89 -6.31 -14.93
C MET A 165 22.39 -7.23 -16.04
N ALA A 166 21.51 -8.06 -16.56
CA ALA A 166 21.91 -9.12 -17.51
C ALA A 166 20.73 -9.46 -18.42
N LYS A 167 20.99 -10.20 -19.51
CA LYS A 167 19.91 -10.68 -20.39
C LYS A 167 19.68 -12.18 -20.20
N TYR A 168 18.41 -12.58 -20.32
CA TYR A 168 17.98 -13.90 -19.85
C TYR A 168 17.37 -14.76 -20.96
N ASP A 169 17.89 -15.98 -21.03
CA ASP A 169 17.40 -17.09 -21.92
C ASP A 169 16.93 -18.22 -21.02
N VAL A 170 15.63 -18.44 -20.96
CA VAL A 170 15.04 -19.36 -19.93
C VAL A 170 14.25 -20.45 -20.60
N THR A 171 14.60 -21.70 -20.27
CA THR A 171 13.84 -22.88 -20.64
C THR A 171 13.18 -23.44 -19.41
N VAL A 172 11.89 -23.73 -19.53
CA VAL A 172 11.14 -24.41 -18.47
C VAL A 172 10.66 -25.76 -19.03
N THR A 173 10.79 -26.83 -18.23
CA THR A 173 10.21 -28.11 -18.61
C THR A 173 9.38 -28.67 -17.45
N ALA A 174 8.36 -29.43 -17.82
CA ALA A 174 7.43 -29.96 -16.84
C ALA A 174 6.56 -31.06 -17.46
N ASP A 175 5.84 -31.79 -16.62
CA ASP A 175 4.80 -32.68 -17.03
C ASP A 175 3.70 -31.88 -17.76
N LYS A 176 3.36 -32.32 -18.95
CA LYS A 176 2.44 -31.65 -19.78
C LYS A 176 1.03 -31.66 -19.25
N GLU A 177 0.61 -32.78 -18.69
CA GLU A 177 -0.79 -32.81 -18.21
C GLU A 177 -1.00 -31.88 -17.04
N LYS A 178 -0.07 -31.87 -16.08
CA LYS A 178 -0.20 -31.02 -14.93
C LYS A 178 0.07 -29.56 -15.22
N TYR A 179 1.04 -29.33 -16.13
CA TYR A 179 1.58 -27.99 -16.31
C TYR A 179 1.61 -27.63 -17.80
N PRO A 180 0.43 -27.50 -18.42
CA PRO A 180 0.40 -27.33 -19.86
C PRO A 180 0.82 -25.90 -20.33
N VAL A 181 0.76 -24.92 -19.40
CA VAL A 181 1.11 -23.53 -19.72
C VAL A 181 2.39 -23.22 -18.95
N LEU A 182 3.40 -22.85 -19.71
CA LEU A 182 4.71 -22.53 -19.20
C LEU A 182 5.03 -21.13 -19.67
N LEU A 183 5.43 -20.25 -18.73
CA LEU A 183 5.71 -18.85 -18.99
C LEU A 183 6.98 -18.40 -18.31
N SER A 184 7.78 -17.59 -18.98
CA SER A 184 8.88 -16.81 -18.38
C SER A 184 8.92 -15.46 -19.12
N ASN A 185 9.82 -14.59 -18.69
CA ASN A 185 9.86 -13.26 -19.22
C ASN A 185 10.18 -13.24 -20.70
N GLY A 186 9.47 -12.41 -21.45
CA GLY A 186 9.85 -12.13 -22.78
C GLY A 186 9.17 -13.02 -23.85
N ASP A 187 9.80 -13.02 -25.03
CA ASP A 187 9.30 -13.73 -26.21
C ASP A 187 9.40 -15.22 -26.06
N LYS A 188 8.37 -15.96 -26.39
CA LYS A 188 8.47 -17.40 -26.43
C LYS A 188 9.06 -17.77 -27.77
N VAL A 189 10.22 -18.36 -27.77
CA VAL A 189 10.91 -18.60 -29.01
C VAL A 189 10.88 -20.08 -29.46
N ASN A 190 10.49 -21.01 -28.60
CA ASN A 190 10.32 -22.38 -29.01
C ASN A 190 9.45 -23.11 -27.98
N GLU A 191 8.82 -24.18 -28.45
CA GLU A 191 8.08 -25.10 -27.64
C GLU A 191 8.38 -26.48 -28.19
N PHE A 192 8.49 -27.47 -27.33
CA PHE A 192 8.93 -28.79 -27.70
C PHE A 192 8.39 -29.85 -26.77
N GLU A 193 8.21 -31.05 -27.34
CA GLU A 193 7.82 -32.24 -26.58
C GLU A 193 9.06 -32.92 -26.08
N ILE A 194 8.92 -33.62 -24.95
CA ILE A 194 9.97 -34.34 -24.28
C ILE A 194 9.44 -35.71 -23.91
N PRO A 195 10.29 -36.76 -24.06
CA PRO A 195 9.77 -38.11 -23.73
C PRO A 195 9.27 -38.25 -22.29
N GLY A 196 8.35 -39.17 -22.05
CA GLY A 196 7.82 -39.41 -20.69
C GLY A 196 6.73 -38.43 -20.25
N GLY A 197 6.07 -37.85 -21.24
CA GLY A 197 4.92 -37.00 -21.11
C GLY A 197 5.25 -35.56 -20.68
N ARG A 198 6.48 -35.15 -20.97
CA ARG A 198 6.94 -33.81 -20.56
C ARG A 198 6.88 -32.88 -21.76
N HIS A 199 7.12 -31.59 -21.49
CA HIS A 199 7.28 -30.60 -22.55
C HIS A 199 8.03 -29.43 -22.06
N GLY A 200 8.44 -28.59 -23.00
CA GLY A 200 9.26 -27.45 -22.66
C GLY A 200 8.98 -26.24 -23.46
N ALA A 201 9.38 -25.06 -22.91
CA ALA A 201 9.18 -23.81 -23.64
C ALA A 201 10.40 -22.99 -23.34
N ARG A 202 10.83 -22.22 -24.34
CA ARG A 202 12.04 -21.38 -24.17
C ARG A 202 11.67 -19.94 -24.40
N PHE A 203 12.20 -19.04 -23.55
CA PHE A 203 11.92 -17.63 -23.55
C PHE A 203 13.20 -16.84 -23.72
N ASN A 204 13.08 -15.73 -24.45
CA ASN A 204 14.20 -14.78 -24.58
C ASN A 204 13.70 -13.44 -24.18
N ASP A 205 14.31 -12.82 -23.17
CA ASP A 205 13.92 -11.46 -22.75
C ASP A 205 15.08 -10.54 -23.20
N PRO A 206 14.80 -9.70 -24.21
CA PRO A 206 15.86 -8.90 -24.77
C PRO A 206 16.30 -7.71 -23.92
N HIS A 207 15.51 -7.37 -22.92
CA HIS A 207 15.73 -6.16 -22.15
C HIS A 207 16.66 -6.53 -20.95
N LEU A 208 17.77 -5.83 -20.78
CA LEU A 208 18.66 -5.99 -19.63
C LEU A 208 17.84 -5.78 -18.33
N LYS A 209 18.05 -6.67 -17.36
CA LYS A 209 17.33 -6.52 -16.11
C LYS A 209 18.07 -7.03 -14.95
N PRO A 210 17.74 -6.54 -13.79
CA PRO A 210 18.17 -7.17 -12.52
C PRO A 210 17.40 -8.49 -12.30
N CYS A 211 17.96 -9.36 -11.45
CA CYS A 211 17.39 -10.68 -11.25
C CYS A 211 16.07 -10.63 -10.45
N TYR A 212 15.83 -9.53 -9.73
CA TYR A 212 14.53 -9.42 -9.03
C TYR A 212 13.34 -9.37 -9.95
N LEU A 213 13.55 -9.12 -11.26
CA LEU A 213 12.49 -9.04 -12.24
C LEU A 213 12.28 -10.36 -13.01
N PHE A 214 13.07 -11.38 -12.71
CA PHE A 214 12.92 -12.69 -13.30
C PHE A 214 11.64 -13.28 -12.78
N ALA A 215 10.88 -13.97 -13.65
CA ALA A 215 9.74 -14.79 -13.21
C ALA A 215 9.56 -16.00 -14.08
N VAL A 216 8.94 -17.02 -13.49
CA VAL A 216 8.50 -18.21 -14.22
C VAL A 216 7.17 -18.66 -13.61
N VAL A 217 6.34 -19.15 -14.47
CA VAL A 217 5.05 -19.73 -14.04
C VAL A 217 4.79 -21.04 -14.79
N ALA A 218 4.24 -22.04 -14.10
CA ALA A 218 3.88 -23.36 -14.75
C ALA A 218 2.55 -23.76 -14.16
N GLY A 219 1.55 -24.00 -15.01
CA GLY A 219 0.24 -24.39 -14.47
C GLY A 219 -0.74 -24.75 -15.52
N ASP A 220 -1.91 -25.24 -15.06
CA ASP A 220 -3.03 -25.50 -15.94
C ASP A 220 -3.88 -24.24 -16.01
N LEU A 221 -3.38 -23.24 -16.68
CA LEU A 221 -3.98 -21.91 -16.59
C LEU A 221 -4.89 -21.69 -17.81
N LYS A 222 -5.96 -20.98 -17.58
CA LYS A 222 -6.84 -20.48 -18.63
C LYS A 222 -6.69 -19.00 -18.73
N HIS A 223 -7.11 -18.45 -19.87
CA HIS A 223 -6.89 -17.05 -20.12
C HIS A 223 -7.97 -16.35 -20.87
N LEU A 224 -7.90 -15.04 -20.79
CA LEU A 224 -8.55 -14.11 -21.71
C LEU A 224 -7.48 -13.31 -22.40
N SER A 225 -7.68 -12.92 -23.66
CA SER A 225 -6.69 -12.17 -24.37
C SER A 225 -7.30 -11.09 -25.20
N ALA A 226 -6.46 -10.14 -25.54
CA ALA A 226 -6.85 -9.03 -26.43
C ALA A 226 -5.63 -8.50 -27.08
N THR A 227 -5.78 -7.76 -28.18
CA THR A 227 -4.72 -7.11 -28.78
C THR A 227 -4.83 -5.61 -28.57
N TYR A 228 -3.72 -4.97 -28.20
CA TYR A 228 -3.65 -3.54 -27.97
C TYR A 228 -2.68 -2.97 -28.99
N ILE A 229 -3.05 -1.86 -29.60
CA ILE A 229 -2.20 -1.18 -30.54
C ILE A 229 -1.66 0.14 -29.96
N THR A 230 -0.34 0.27 -29.91
CA THR A 230 0.29 1.40 -29.18
C THR A 230 -0.03 2.70 -29.91
N LYS A 231 -0.09 3.79 -29.17
CA LYS A 231 -0.71 5.00 -29.67
C LYS A 231 0.15 5.67 -30.77
N TYR A 232 1.47 5.67 -30.60
CA TYR A 232 2.39 6.42 -31.42
C TYR A 232 3.09 5.56 -32.46
N THR A 233 3.61 4.41 -32.07
CA THR A 233 4.33 3.50 -32.96
C THR A 233 3.47 2.42 -33.57
N LYS A 234 2.22 2.31 -33.10
CA LYS A 234 1.26 1.35 -33.64
C LYS A 234 1.74 -0.10 -33.53
N LYS A 235 2.52 -0.39 -32.49
CA LYS A 235 3.03 -1.75 -32.16
C LYS A 235 1.82 -2.57 -31.68
N LYS A 236 1.66 -3.76 -32.23
CA LYS A 236 0.64 -4.69 -31.78
C LYS A 236 1.15 -5.40 -30.55
N VAL A 237 0.37 -5.37 -29.46
CA VAL A 237 0.80 -6.02 -28.22
C VAL A 237 -0.28 -7.02 -27.87
N GLU A 238 0.13 -8.26 -27.64
CA GLU A 238 -0.84 -9.25 -27.22
C GLU A 238 -0.96 -9.20 -25.67
N LEU A 239 -2.17 -9.03 -25.14
CA LEU A 239 -2.39 -8.96 -23.72
C LEU A 239 -3.14 -10.22 -23.34
N TYR A 240 -2.60 -10.88 -22.36
CA TYR A 240 -3.08 -12.22 -21.78
C TYR A 240 -3.27 -11.95 -20.24
N VAL A 241 -4.42 -12.38 -19.73
CA VAL A 241 -4.62 -12.50 -18.32
C VAL A 241 -4.97 -13.93 -17.98
N PHE A 242 -4.33 -14.51 -16.98
CA PHE A 242 -4.41 -15.94 -16.63
C PHE A 242 -4.88 -16.22 -15.20
N SER A 243 -5.66 -17.29 -15.04
CA SER A 243 -6.01 -17.82 -13.76
C SER A 243 -6.17 -19.31 -13.82
N GLU A 244 -6.33 -19.92 -12.65
CA GLU A 244 -6.83 -21.29 -12.65
C GLU A 244 -8.24 -21.36 -13.32
N GLU A 245 -8.56 -22.54 -13.81
CA GLU A 245 -9.77 -22.74 -14.61
C GLU A 245 -11.05 -22.32 -13.89
N LYS A 246 -11.17 -22.65 -12.61
CA LYS A 246 -12.34 -22.35 -11.82
C LYS A 246 -12.72 -20.85 -11.91
N TYR A 247 -11.73 -19.97 -12.05
CA TYR A 247 -11.94 -18.56 -11.91
C TYR A 247 -11.71 -17.77 -13.14
N VAL A 248 -11.66 -18.44 -14.30
CA VAL A 248 -11.44 -17.69 -15.55
C VAL A 248 -12.55 -16.63 -15.82
N SER A 249 -13.76 -16.82 -15.30
CA SER A 249 -14.88 -15.87 -15.43
C SER A 249 -14.61 -14.59 -14.68
N LYS A 250 -13.48 -14.51 -13.94
CA LYS A 250 -13.22 -13.39 -13.07
C LYS A 250 -12.07 -12.51 -13.59
N LEU A 251 -11.67 -12.75 -14.83
CA LEU A 251 -10.51 -12.07 -15.43
C LEU A 251 -10.77 -10.77 -16.16
N GLN A 252 -12.03 -10.55 -16.59
CA GLN A 252 -12.28 -9.47 -17.53
C GLN A 252 -11.93 -8.08 -17.05
N TRP A 253 -12.29 -7.72 -15.83
CA TRP A 253 -12.03 -6.40 -15.32
C TRP A 253 -10.52 -6.12 -15.32
N ALA A 254 -9.72 -7.12 -14.93
CA ALA A 254 -8.25 -6.89 -14.97
C ALA A 254 -7.76 -6.56 -16.33
N LEU A 255 -8.26 -7.32 -17.35
CA LEU A 255 -7.87 -7.04 -18.76
C LEU A 255 -8.23 -5.60 -19.14
N GLU A 256 -9.45 -5.21 -18.81
CA GLU A 256 -9.87 -3.86 -19.04
C GLU A 256 -8.98 -2.82 -18.34
N CYS A 257 -8.63 -3.08 -17.08
CA CYS A 257 -7.77 -2.20 -16.36
C CYS A 257 -6.38 -2.07 -16.96
N LEU A 258 -5.93 -3.17 -17.51
CA LEU A 258 -4.61 -3.16 -18.20
C LEU A 258 -4.70 -2.23 -19.44
N LYS A 259 -5.78 -2.36 -20.23
CA LYS A 259 -5.93 -1.46 -21.37
C LYS A 259 -5.94 0.01 -20.91
N LYS A 260 -6.68 0.27 -19.85
CA LYS A 260 -6.73 1.59 -19.28
C LYS A 260 -5.36 2.11 -18.86
N SER A 261 -4.62 1.25 -18.19
CA SER A 261 -3.30 1.62 -17.76
C SER A 261 -2.39 1.97 -18.89
N MET A 262 -2.39 1.10 -19.89
CA MET A 262 -1.58 1.35 -21.12
C MET A 262 -1.93 2.72 -21.74
N ALA A 263 -3.22 2.99 -21.84
CA ALA A 263 -3.64 4.24 -22.48
C ALA A 263 -3.25 5.44 -21.61
N PHE A 264 -3.32 5.36 -20.24
CA PHE A 264 -3.00 6.42 -19.43
C PHE A 264 -1.51 6.77 -19.55
N ASP A 265 -0.66 5.74 -19.52
CA ASP A 265 0.78 6.02 -19.62
C ASP A 265 1.11 6.63 -20.99
N GLU A 266 0.41 6.21 -22.04
CA GLU A 266 0.58 6.88 -23.35
C GLU A 266 0.12 8.33 -23.30
N ASP A 267 -1.08 8.54 -22.77
CA ASP A 267 -1.72 9.86 -22.80
C ASP A 267 -1.05 10.90 -21.91
N TYR A 268 -0.70 10.56 -20.67
CA TYR A 268 -0.12 11.53 -19.79
C TYR A 268 1.38 11.62 -19.95
N PHE A 269 2.07 10.48 -20.03
CA PHE A 269 3.51 10.39 -20.01
C PHE A 269 4.19 10.14 -21.34
N GLY A 270 3.41 9.87 -22.37
CA GLY A 270 3.96 9.44 -23.66
C GLY A 270 4.73 8.13 -23.70
N LEU A 271 4.40 7.24 -22.80
CA LEU A 271 5.10 5.96 -22.69
C LEU A 271 4.32 4.80 -23.24
N GLU A 272 4.97 4.10 -24.18
CA GLU A 272 4.46 2.84 -24.81
C GLU A 272 5.12 1.61 -24.31
N TYR A 273 4.32 0.56 -24.25
CA TYR A 273 4.85 -0.77 -23.90
C TYR A 273 5.91 -1.18 -24.93
N ASP A 274 6.83 -2.09 -24.50
CA ASP A 274 8.08 -2.40 -25.17
C ASP A 274 8.36 -3.92 -25.40
N LEU A 275 7.32 -4.75 -25.39
CA LEU A 275 7.41 -6.08 -25.83
C LEU A 275 6.17 -6.40 -26.64
N SER A 276 6.25 -7.54 -27.37
CA SER A 276 5.13 -7.98 -28.19
C SER A 276 4.00 -8.60 -27.39
N ARG A 277 4.26 -8.89 -26.11
CA ARG A 277 3.27 -9.56 -25.29
C ARG A 277 3.44 -9.11 -23.89
N LEU A 278 2.28 -9.01 -23.26
CA LEU A 278 2.28 -8.76 -21.62
C LEU A 278 1.35 -9.75 -21.01
N ASN A 279 1.78 -10.56 -20.05
CA ASN A 279 0.99 -11.54 -19.34
C ASN A 279 0.78 -11.05 -17.92
N LEU A 280 -0.47 -11.20 -17.42
CA LEU A 280 -0.78 -11.02 -15.97
C LEU A 280 -1.27 -12.41 -15.51
N VAL A 281 -0.84 -12.85 -14.31
CA VAL A 281 -1.18 -14.17 -13.81
C VAL A 281 -1.62 -14.04 -12.37
N ALA A 282 -2.77 -14.62 -12.04
CA ALA A 282 -3.26 -14.66 -10.62
C ALA A 282 -2.88 -15.97 -10.00
N VAL A 283 -2.36 -15.88 -8.77
CA VAL A 283 -2.12 -17.04 -7.90
C VAL A 283 -2.78 -16.81 -6.55
N SER A 284 -3.21 -17.92 -5.93
CA SER A 284 -3.97 -17.87 -4.73
C SER A 284 -3.12 -17.54 -3.50
N ASP A 285 -1.81 -17.90 -3.51
CA ASP A 285 -0.87 -17.77 -2.35
C ASP A 285 0.19 -16.76 -2.70
N PHE A 286 0.08 -15.56 -2.14
CA PHE A 286 1.02 -14.46 -2.45
C PHE A 286 1.15 -13.54 -1.25
N ASN A 287 2.42 -13.19 -0.96
CA ASN A 287 2.66 -12.46 0.25
C ASN A 287 2.15 -11.06 0.27
N VAL A 288 2.13 -10.37 -0.88
CA VAL A 288 1.71 -9.01 -0.90
C VAL A 288 0.62 -8.85 -2.00
N GLY A 289 0.58 -7.77 -2.83
CA GLY A 289 -0.43 -7.54 -3.80
C GLY A 289 -0.14 -8.09 -5.19
N ALA A 290 1.04 -7.73 -5.68
CA ALA A 290 1.44 -8.14 -7.04
C ALA A 290 2.90 -7.74 -7.29
N MET A 291 3.45 -8.09 -8.43
CA MET A 291 4.86 -7.96 -8.77
C MET A 291 5.05 -7.69 -10.23
N GLU A 292 5.91 -6.74 -10.54
CA GLU A 292 6.08 -6.18 -11.89
C GLU A 292 7.08 -6.94 -12.81
N ASN A 293 7.23 -8.25 -12.63
CA ASN A 293 8.24 -8.96 -13.47
C ASN A 293 8.03 -8.62 -14.93
N LYS A 294 9.15 -8.43 -15.64
CA LYS A 294 9.06 -7.93 -17.02
C LYS A 294 8.24 -8.83 -17.89
N GLY A 295 7.14 -8.26 -18.45
CA GLY A 295 6.32 -8.99 -19.39
C GLY A 295 5.41 -10.09 -18.73
N LEU A 296 5.52 -10.24 -17.42
CA LEU A 296 4.97 -11.37 -16.70
C LEU A 296 4.65 -10.94 -15.28
N ASN A 297 3.64 -10.08 -15.14
CA ASN A 297 3.22 -9.56 -13.84
C ASN A 297 2.46 -10.59 -13.09
N ILE A 298 2.79 -10.82 -11.82
CA ILE A 298 2.17 -11.85 -11.03
C ILE A 298 1.42 -11.23 -9.87
N PHE A 299 0.19 -11.68 -9.68
CA PHE A 299 -0.74 -11.08 -8.73
C PHE A 299 -1.25 -12.04 -7.68
N ASN A 300 -1.39 -11.55 -6.46
CA ASN A 300 -2.39 -12.11 -5.56
C ASN A 300 -3.73 -12.16 -6.25
N ALA A 301 -4.39 -13.31 -6.24
CA ALA A 301 -5.70 -13.39 -6.87
C ALA A 301 -6.65 -12.34 -6.36
N ASN A 302 -6.50 -11.87 -5.13
CA ASN A 302 -7.38 -10.85 -4.60
C ASN A 302 -7.18 -9.51 -5.19
N SER A 303 -6.11 -9.35 -5.99
CA SER A 303 -5.84 -8.07 -6.65
C SER A 303 -5.88 -8.17 -8.16
N LEU A 304 -6.38 -9.29 -8.68
CA LEU A 304 -6.58 -9.47 -10.12
C LEU A 304 -7.99 -9.94 -10.46
N LEU A 305 -8.64 -10.73 -9.62
CA LEU A 305 -9.87 -11.42 -9.99
C LEU A 305 -11.07 -10.82 -9.32
N ALA A 306 -12.15 -10.59 -10.10
CA ALA A 306 -13.45 -10.14 -9.57
C ALA A 306 -14.56 -10.54 -10.50
N SER A 307 -15.75 -10.68 -9.90
CA SER A 307 -16.98 -10.62 -10.72
C SER A 307 -18.02 -9.94 -9.88
N LYS A 308 -19.01 -9.31 -10.51
CA LYS A 308 -19.93 -8.48 -9.73
C LYS A 308 -20.85 -9.30 -8.86
N LYS A 309 -21.08 -10.58 -9.18
CA LYS A 309 -21.89 -11.38 -8.32
C LYS A 309 -21.05 -11.99 -7.18
N ASN A 310 -19.71 -12.02 -7.28
CA ASN A 310 -18.86 -12.69 -6.30
C ASN A 310 -17.78 -11.94 -5.67
N SER A 311 -17.83 -10.61 -5.79
CA SER A 311 -16.84 -9.75 -5.21
C SER A 311 -17.50 -8.51 -4.70
N ILE A 312 -16.96 -7.95 -3.62
CA ILE A 312 -17.39 -6.66 -3.12
C ILE A 312 -16.88 -5.54 -3.97
N ASP A 313 -17.57 -4.40 -3.91
CA ASP A 313 -17.25 -3.22 -4.70
C ASP A 313 -15.78 -2.85 -4.63
N PHE A 314 -15.23 -2.91 -3.44
CA PHE A 314 -13.85 -2.44 -3.21
C PHE A 314 -12.85 -3.24 -4.05
N SER A 315 -13.20 -4.47 -4.44
CA SER A 315 -12.31 -5.26 -5.34
C SER A 315 -12.04 -4.57 -6.58
N TYR A 316 -13.01 -3.88 -7.12
CA TYR A 316 -12.81 -3.20 -8.36
C TYR A 316 -11.80 -2.13 -8.38
N ALA A 317 -11.82 -1.22 -7.41
CA ALA A 317 -10.80 -0.19 -7.32
C ALA A 317 -9.43 -0.82 -6.96
N ARG A 318 -9.43 -1.90 -6.22
CA ARG A 318 -8.17 -2.52 -5.84
C ARG A 318 -7.51 -3.10 -7.09
N ILE A 319 -8.25 -3.80 -7.93
CA ILE A 319 -7.69 -4.36 -9.12
C ILE A 319 -7.22 -3.25 -10.04
N LEU A 320 -8.00 -2.15 -10.17
CA LEU A 320 -7.57 -1.06 -11.01
C LEU A 320 -6.22 -0.48 -10.58
N THR A 321 -6.13 -0.26 -9.28
CA THR A 321 -4.89 0.26 -8.71
C THR A 321 -3.71 -0.70 -8.81
N VAL A 322 -3.90 -1.99 -8.59
CA VAL A 322 -2.77 -2.88 -8.60
C VAL A 322 -2.32 -3.19 -10.02
N VAL A 323 -3.25 -3.45 -10.94
CA VAL A 323 -2.87 -3.59 -12.36
C VAL A 323 -2.13 -2.36 -12.84
N GLY A 324 -2.69 -1.23 -12.52
CA GLY A 324 -2.06 0.03 -12.94
C GLY A 324 -0.63 0.16 -12.37
N HIS A 325 -0.48 -0.02 -11.07
CA HIS A 325 0.80 0.08 -10.42
C HIS A 325 1.83 -0.82 -11.10
N GLU A 326 1.53 -2.12 -11.27
CA GLU A 326 2.49 -3.02 -11.83
C GLU A 326 2.81 -2.65 -13.29
N TYR A 327 1.84 -2.15 -14.02
CA TYR A 327 2.06 -1.67 -15.37
C TYR A 327 2.98 -0.48 -15.43
N PHE A 328 2.76 0.47 -14.50
CA PHE A 328 3.57 1.69 -14.46
C PHE A 328 5.02 1.40 -14.10
N HIS A 329 5.24 0.33 -13.33
CA HIS A 329 6.62 -0.04 -13.06
C HIS A 329 7.38 -0.42 -14.37
N ASN A 330 6.69 -0.70 -15.47
CA ASN A 330 7.44 -1.10 -16.71
C ASN A 330 8.40 -0.02 -17.08
N TYR A 331 8.09 1.26 -16.82
CA TYR A 331 9.11 2.32 -16.88
C TYR A 331 9.75 2.66 -15.59
N THR A 332 8.96 2.95 -14.54
CA THR A 332 9.50 3.38 -13.29
C THR A 332 9.77 2.18 -12.41
N GLY A 333 10.89 1.51 -12.74
CA GLY A 333 11.37 0.32 -12.02
C GLY A 333 12.05 -0.64 -12.95
N ASN A 334 11.48 -0.85 -14.15
CA ASN A 334 11.99 -1.87 -15.06
C ASN A 334 12.91 -1.20 -16.09
N ARG A 335 12.39 -0.34 -16.93
CA ARG A 335 13.24 0.35 -17.94
C ARG A 335 14.21 1.28 -17.25
N VAL A 336 13.83 1.93 -16.13
CA VAL A 336 14.74 2.59 -15.25
C VAL A 336 14.68 1.91 -13.94
N THR A 337 15.76 1.25 -13.52
CA THR A 337 15.74 0.43 -12.28
C THR A 337 16.57 1.09 -11.19
N LEU A 338 16.85 0.35 -10.13
CA LEU A 338 17.51 0.85 -8.94
C LEU A 338 18.98 0.47 -8.90
N ARG A 339 19.80 1.41 -8.50
CA ARG A 339 21.19 1.16 -8.30
C ARG A 339 21.40 0.13 -7.12
N ASP A 340 20.60 0.32 -6.08
CA ASP A 340 20.68 -0.39 -4.84
C ASP A 340 19.32 -0.23 -4.13
N TRP A 341 19.10 -1.04 -3.10
CA TRP A 341 17.79 -1.13 -2.47
C TRP A 341 17.51 0.12 -1.63
N PHE A 342 18.52 0.92 -1.30
CA PHE A 342 18.24 2.16 -0.55
C PHE A 342 17.42 3.13 -1.41
N GLN A 343 17.43 2.99 -2.74
CA GLN A 343 16.68 3.77 -3.68
C GLN A 343 15.23 3.26 -3.88
N LEU A 344 14.75 2.35 -3.06
CA LEU A 344 13.46 1.74 -3.28
C LEU A 344 12.36 2.78 -3.56
N THR A 345 12.37 3.87 -2.81
CA THR A 345 11.29 4.90 -2.99
C THR A 345 11.30 5.46 -4.41
N LEU A 346 12.46 5.48 -5.11
CA LEU A 346 12.50 5.99 -6.46
C LEU A 346 11.58 5.18 -7.39
N LYS A 347 11.46 3.86 -7.20
CA LYS A 347 10.56 3.11 -7.99
C LYS A 347 9.19 3.02 -7.30
N GLU A 348 9.13 2.88 -6.00
CA GLU A 348 7.80 2.60 -5.35
C GLU A 348 7.06 3.91 -5.12
N GLY A 349 7.68 4.88 -4.53
CA GLY A 349 7.02 6.21 -4.36
C GLY A 349 6.56 6.74 -5.69
N LEU A 350 7.43 6.67 -6.71
CA LEU A 350 7.10 7.22 -8.05
C LEU A 350 5.99 6.43 -8.69
N THR A 351 5.99 5.08 -8.54
CA THR A 351 5.01 4.24 -9.11
C THR A 351 3.65 4.46 -8.41
N VAL A 352 3.67 4.53 -7.09
CA VAL A 352 2.39 4.85 -6.36
C VAL A 352 1.88 6.20 -6.81
N HIS A 353 2.72 7.23 -6.97
CA HIS A 353 2.22 8.51 -7.49
C HIS A 353 1.59 8.36 -8.87
N ARG A 354 2.21 7.60 -9.76
CA ARG A 354 1.66 7.33 -11.12
C ARG A 354 0.33 6.61 -10.98
N GLU A 355 0.27 5.60 -10.11
CA GLU A 355 -1.00 4.91 -10.03
CA GLU A 355 -0.93 4.80 -9.82
C GLU A 355 -2.07 5.78 -9.39
N ASN A 356 -1.71 6.68 -8.51
CA ASN A 356 -2.70 7.58 -7.91
C ASN A 356 -3.21 8.56 -8.92
N LEU A 357 -2.37 9.10 -9.77
CA LEU A 357 -2.85 9.97 -10.90
C LEU A 357 -3.79 9.18 -11.76
N PHE A 358 -3.41 7.94 -12.05
CA PHE A 358 -4.24 7.10 -12.92
C PHE A 358 -5.59 6.87 -12.27
N SER A 359 -5.60 6.48 -11.00
CA SER A 359 -6.89 6.10 -10.43
CA SER A 359 -6.84 6.09 -10.26
C SER A 359 -7.76 7.34 -10.23
N GLU A 360 -7.18 8.49 -9.91
CA GLU A 360 -7.98 9.70 -9.80
C GLU A 360 -8.64 9.99 -11.15
N GLU A 361 -7.90 9.79 -12.24
CA GLU A 361 -8.43 10.01 -13.60
C GLU A 361 -9.47 9.03 -13.96
N MET A 362 -9.33 7.74 -13.58
CA MET A 362 -10.27 6.73 -13.97
C MET A 362 -11.55 6.79 -13.17
N THR A 363 -11.47 7.09 -11.87
CA THR A 363 -12.67 7.10 -11.09
C THR A 363 -13.47 8.38 -11.14
N LYS A 364 -12.78 9.48 -11.28
CA LYS A 364 -13.42 10.83 -11.33
C LYS A 364 -14.24 11.07 -10.11
N THR A 365 -13.78 10.58 -8.96
CA THR A 365 -14.47 10.83 -7.71
C THR A 365 -13.52 11.47 -6.71
N VAL A 366 -13.98 12.38 -5.89
CA VAL A 366 -13.04 13.06 -4.96
C VAL A 366 -12.58 12.12 -3.87
N THR A 367 -13.35 11.08 -3.61
CA THR A 367 -12.99 10.11 -2.59
C THR A 367 -11.69 9.36 -2.89
N THR A 368 -11.23 9.28 -4.16
CA THR A 368 -10.01 8.56 -4.44
C THR A 368 -8.81 9.28 -3.74
N ARG A 369 -8.66 10.55 -3.97
CA ARG A 369 -7.57 11.28 -3.31
C ARG A 369 -7.77 11.27 -1.80
N LEU A 370 -9.00 11.42 -1.34
CA LEU A 370 -9.22 11.43 0.13
C LEU A 370 -8.79 10.13 0.76
N SER A 371 -9.05 9.00 0.10
CA SER A 371 -8.65 7.69 0.57
C SER A 371 -7.12 7.57 0.73
N HIS A 372 -6.37 8.16 -0.19
CA HIS A 372 -4.89 8.17 -0.16
CA HIS A 372 -4.92 8.06 -0.07
C HIS A 372 -4.44 8.95 1.07
N VAL A 373 -5.05 10.11 1.26
CA VAL A 373 -4.70 10.95 2.37
C VAL A 373 -4.99 10.25 3.69
N ASP A 374 -6.17 9.59 3.79
CA ASP A 374 -6.55 8.89 5.04
C ASP A 374 -5.55 7.80 5.36
N LEU A 375 -5.11 7.09 4.33
CA LEU A 375 -4.07 6.03 4.48
C LEU A 375 -2.81 6.66 5.05
N LEU A 376 -2.33 7.72 4.42
CA LEU A 376 -1.09 8.35 4.87
C LEU A 376 -1.23 8.82 6.31
N ARG A 377 -2.27 9.56 6.63
CA ARG A 377 -2.30 10.26 7.91
C ARG A 377 -2.64 9.34 9.09
N SER A 378 -3.12 8.17 8.77
CA SER A 378 -3.29 7.14 9.78
C SER A 378 -2.04 6.25 9.90
N VAL A 379 -1.91 5.31 8.99
CA VAL A 379 -0.87 4.34 9.14
C VAL A 379 0.52 4.95 8.96
N GLN A 380 0.74 5.82 7.98
CA GLN A 380 2.10 6.32 7.79
C GLN A 380 2.54 7.29 8.87
N PHE A 381 1.67 8.20 9.27
CA PHE A 381 1.97 9.09 10.38
C PHE A 381 2.27 8.29 11.65
N LEU A 382 1.55 7.24 11.90
CA LEU A 382 1.82 6.38 13.11
C LEU A 382 3.20 5.86 12.97
N GLU A 383 3.47 5.29 11.82
CA GLU A 383 4.84 4.74 11.61
C GLU A 383 5.92 5.80 11.81
N ASP A 384 5.72 7.02 11.33
CA ASP A 384 6.70 8.08 11.42
C ASP A 384 6.87 8.65 12.84
N SER A 385 5.98 8.36 13.75
CA SER A 385 6.23 8.78 15.17
CA SER A 385 6.03 8.72 15.18
C SER A 385 6.50 7.55 16.06
N SER A 386 6.71 6.40 15.43
CA SER A 386 7.05 5.18 16.11
C SER A 386 8.56 5.01 16.13
N PRO A 387 8.99 3.99 16.94
CA PRO A 387 10.39 3.63 16.88
C PRO A 387 10.89 3.07 15.58
N LEU A 388 9.95 2.73 14.68
CA LEU A 388 10.35 2.30 13.32
C LEU A 388 10.55 3.48 12.32
N SER A 389 10.42 4.72 12.75
CA SER A 389 10.49 5.87 11.87
C SER A 389 11.75 5.89 11.05
N HIS A 390 11.59 6.08 9.77
CA HIS A 390 12.70 6.15 8.85
C HIS A 390 12.40 7.20 7.80
N PRO A 391 13.42 7.78 7.18
CA PRO A 391 13.25 8.57 5.96
C PRO A 391 12.92 7.68 4.78
N ILE A 392 12.33 8.29 3.75
CA ILE A 392 11.90 7.54 2.60
C ILE A 392 13.06 6.88 1.89
N ARG A 393 14.25 7.39 2.08
CA ARG A 393 15.50 6.69 1.66
C ARG A 393 16.29 6.32 2.95
N PRO A 394 16.09 5.09 3.40
CA PRO A 394 16.84 4.74 4.67
C PRO A 394 18.39 4.77 4.54
N GLU A 395 19.02 4.95 5.71
CA GLU A 395 20.48 4.97 5.81
C GLU A 395 21.07 3.59 6.09
N SER A 396 20.26 2.61 6.45
CA SER A 396 20.72 1.24 6.83
C SER A 396 19.62 0.22 6.91
N TYR A 397 19.94 -1.08 6.80
CA TYR A 397 19.00 -2.19 7.00
C TYR A 397 19.65 -3.52 7.31
N VAL A 398 18.81 -4.47 7.76
CA VAL A 398 19.16 -5.89 7.89
C VAL A 398 18.37 -6.78 6.90
N SER A 399 17.03 -6.82 6.94
CA SER A 399 16.26 -7.53 5.93
C SER A 399 15.65 -6.35 5.13
N MET A 400 15.91 -6.30 3.81
CA MET A 400 15.36 -5.24 2.96
C MET A 400 13.85 -5.34 2.96
N GLU A 401 13.38 -6.56 3.06
CA GLU A 401 11.94 -6.84 3.07
C GLU A 401 11.21 -6.02 4.18
N ASN A 402 11.91 -5.62 5.27
CA ASN A 402 11.22 -4.80 6.28
C ASN A 402 11.12 -3.34 5.89
N PHE A 403 11.72 -2.97 4.76
CA PHE A 403 11.55 -1.59 4.31
C PHE A 403 10.64 -1.29 3.12
N TYR A 404 9.80 -2.24 2.89
CA TYR A 404 8.73 -2.08 2.02
C TYR A 404 7.61 -1.59 2.89
N THR A 405 7.70 -0.33 3.19
CA THR A 405 6.83 0.31 4.19
C THR A 405 5.93 1.38 3.61
N THR A 406 4.95 1.76 4.40
CA THR A 406 4.02 2.87 3.98
C THR A 406 4.81 4.16 3.95
N THR A 407 5.89 4.31 4.74
CA THR A 407 6.81 5.41 4.56
C THR A 407 7.40 5.47 3.16
N VAL A 408 8.11 4.40 2.80
CA VAL A 408 8.74 4.39 1.49
C VAL A 408 7.74 4.50 0.33
N TYR A 409 6.59 3.88 0.48
CA TYR A 409 5.55 3.89 -0.58
C TYR A 409 4.68 5.13 -0.59
N ASP A 410 4.01 5.39 0.54
CA ASP A 410 2.94 6.45 0.58
C ASP A 410 3.54 7.79 0.89
N LYS A 411 4.43 7.94 1.89
CA LYS A 411 5.13 9.21 1.99
C LYS A 411 5.98 9.45 0.76
N GLY A 412 6.62 8.39 0.24
CA GLY A 412 7.33 8.56 -1.01
C GLY A 412 6.48 9.05 -2.14
N SER A 413 5.25 8.54 -2.22
CA SER A 413 4.34 9.02 -3.30
CA SER A 413 4.34 9.02 -3.29
C SER A 413 4.00 10.48 -3.09
N GLU A 414 3.82 10.91 -1.87
CA GLU A 414 3.51 12.32 -1.62
C GLU A 414 4.64 13.23 -1.91
N VAL A 415 5.88 12.77 -1.64
CA VAL A 415 7.04 13.51 -2.07
C VAL A 415 7.21 13.56 -3.58
N MET A 416 6.82 12.45 -4.24
CA MET A 416 6.81 12.47 -5.71
C MET A 416 5.70 13.38 -6.29
N ARG A 417 4.56 13.41 -5.61
CA ARG A 417 3.47 14.32 -5.95
C ARG A 417 3.75 15.80 -5.76
N MET A 418 4.54 16.15 -4.77
CA MET A 418 4.86 17.55 -4.52
C MET A 418 5.65 18.19 -5.69
N TYR A 419 6.37 17.38 -6.43
CA TYR A 419 7.06 17.93 -7.57
C TYR A 419 6.04 18.44 -8.56
N LEU A 420 4.98 17.67 -8.78
CA LEU A 420 3.92 18.05 -9.68
C LEU A 420 3.24 19.33 -9.21
N THR A 421 2.95 19.38 -7.93
CA THR A 421 2.33 20.60 -7.35
C THR A 421 3.23 21.82 -7.57
N ILE A 422 4.53 21.69 -7.28
CA ILE A 422 5.49 22.75 -7.42
C ILE A 422 5.61 23.17 -8.88
N LEU A 423 5.73 22.23 -9.79
CA LEU A 423 6.07 22.56 -11.21
C LEU A 423 4.86 22.85 -12.02
N GLY A 424 3.71 22.28 -11.68
CA GLY A 424 2.54 22.25 -12.55
C GLY A 424 2.69 21.20 -13.64
N GLU A 425 1.58 20.84 -14.24
CA GLU A 425 1.53 19.71 -15.17
C GLU A 425 2.55 19.78 -16.32
N GLU A 426 2.61 20.92 -17.02
CA GLU A 426 3.51 21.05 -18.16
C GLU A 426 4.98 20.84 -17.82
N TYR A 427 5.50 21.56 -16.82
CA TYR A 427 6.89 21.44 -16.46
C TYR A 427 7.19 20.13 -15.70
N TYR A 428 6.19 19.58 -15.01
CA TYR A 428 6.34 18.20 -14.43
C TYR A 428 6.57 17.14 -15.54
N LYS A 429 5.73 17.18 -16.56
CA LYS A 429 5.90 16.25 -17.68
C LYS A 429 7.26 16.43 -18.32
N LYS A 430 7.75 17.66 -18.46
CA LYS A 430 9.12 17.88 -18.97
C LYS A 430 10.19 17.23 -18.12
N GLY A 431 10.12 17.48 -16.81
CA GLY A 431 11.11 16.87 -15.95
C GLY A 431 11.14 15.34 -15.92
N PHE A 432 9.92 14.77 -15.94
CA PHE A 432 9.77 13.33 -15.89
C PHE A 432 10.40 12.75 -17.17
N ASP A 433 10.15 13.41 -18.30
CA ASP A 433 10.72 12.90 -19.54
C ASP A 433 12.24 13.02 -19.57
N ILE A 434 12.81 14.06 -18.96
CA ILE A 434 14.25 14.11 -18.75
C ILE A 434 14.78 12.96 -17.99
N TYR A 435 14.11 12.64 -16.85
CA TYR A 435 14.51 11.49 -16.07
C TYR A 435 14.47 10.15 -16.85
N ILE A 436 13.35 9.90 -17.50
CA ILE A 436 13.04 8.53 -17.94
C ILE A 436 13.92 8.20 -19.15
N LYS A 437 14.25 9.25 -19.87
CA LYS A 437 15.08 9.11 -21.06
C LYS A 437 16.55 9.01 -20.71
N LYS A 438 17.02 9.91 -19.83
CA LYS A 438 18.46 9.91 -19.51
C LYS A 438 18.91 8.57 -18.95
N ASN A 439 18.01 7.92 -18.18
CA ASN A 439 18.30 6.80 -17.35
C ASN A 439 17.73 5.50 -17.91
N ASP A 440 17.11 5.57 -19.10
CA ASP A 440 16.65 4.35 -19.78
C ASP A 440 17.67 3.21 -19.91
N GLY A 441 17.27 1.97 -19.64
CA GLY A 441 18.17 0.85 -19.80
C GLY A 441 19.19 0.77 -18.68
N ASN A 442 19.05 1.60 -17.66
CA ASN A 442 20.10 1.62 -16.61
C ASN A 442 19.51 1.74 -15.21
N THR A 443 20.38 1.68 -14.24
CA THR A 443 20.05 1.97 -12.87
C THR A 443 19.99 3.45 -12.61
N ALA A 444 19.27 3.86 -11.50
CA ALA A 444 19.21 5.24 -11.15
C ALA A 444 19.11 5.36 -9.60
N THR A 445 19.27 6.61 -9.15
CA THR A 445 19.22 6.95 -7.75
C THR A 445 18.22 8.11 -7.58
N CYS A 446 17.81 8.30 -6.34
CA CYS A 446 16.93 9.43 -6.02
C CYS A 446 17.48 10.76 -6.45
N GLU A 447 18.79 10.94 -6.33
CA GLU A 447 19.42 12.16 -6.86
C GLU A 447 19.22 12.37 -8.35
N ASP A 448 19.24 11.30 -9.17
CA ASP A 448 18.94 11.47 -10.60
C ASP A 448 17.56 12.04 -10.83
N PHE A 449 16.57 11.59 -10.04
CA PHE A 449 15.23 12.15 -10.18
C PHE A 449 15.13 13.65 -9.81
N ASN A 450 15.74 14.00 -8.70
CA ASN A 450 15.73 15.37 -8.21
C ASN A 450 16.40 16.31 -9.22
N TYR A 451 17.46 15.80 -9.86
CA TYR A 451 18.19 16.54 -10.89
C TYR A 451 17.32 16.83 -12.07
N ALA A 452 16.57 15.82 -12.53
CA ALA A 452 15.64 16.04 -13.61
C ALA A 452 14.59 17.06 -13.27
N MET A 453 14.02 16.93 -12.06
CA MET A 453 12.98 17.86 -11.62
C MET A 453 13.58 19.25 -11.52
N GLU A 454 14.82 19.30 -11.04
CA GLU A 454 15.51 20.63 -10.90
C GLU A 454 15.73 21.28 -12.27
N GLN A 455 16.04 20.51 -13.31
CA GLN A 455 16.10 21.13 -14.68
C GLN A 455 14.77 21.75 -15.07
N ALA A 456 13.66 21.05 -14.86
CA ALA A 456 12.33 21.62 -15.10
C ALA A 456 12.05 22.89 -14.27
N TYR A 457 12.59 22.91 -13.06
CA TYR A 457 12.33 23.98 -12.11
C TYR A 457 13.02 25.28 -12.62
N LYS A 458 14.27 25.10 -13.00
CA LYS A 458 15.06 26.18 -13.67
C LYS A 458 14.30 26.78 -14.80
N MET A 459 13.77 25.92 -15.69
CA MET A 459 12.99 26.33 -16.84
C MET A 459 11.73 27.07 -16.38
N LYS A 460 11.00 26.51 -15.42
CA LYS A 460 9.75 27.14 -15.00
C LYS A 460 9.98 28.51 -14.40
N LYS A 461 11.05 28.64 -13.62
CA LYS A 461 11.40 29.88 -12.91
C LYS A 461 12.14 30.88 -13.85
N ALA A 462 12.51 30.40 -15.05
CA ALA A 462 13.27 31.19 -16.02
C ALA A 462 14.60 31.67 -15.42
N ASP A 463 15.23 30.81 -14.61
CA ASP A 463 16.35 31.18 -13.74
C ASP A 463 17.28 29.98 -13.55
N ASN A 464 18.44 30.03 -14.19
CA ASN A 464 19.39 28.91 -14.15
C ASN A 464 20.16 28.78 -12.85
N SER A 465 19.96 29.72 -11.92
CA SER A 465 20.49 29.62 -10.56
C SER A 465 19.48 29.02 -9.52
N ALA A 466 18.18 28.96 -9.85
CA ALA A 466 17.19 28.23 -9.01
C ALA A 466 17.63 26.78 -8.89
N ASN A 467 17.41 26.18 -7.72
CA ASN A 467 17.84 24.81 -7.48
C ASN A 467 16.89 24.13 -6.47
N LEU A 468 16.90 22.79 -6.47
CA LEU A 468 16.09 22.01 -5.55
C LEU A 468 16.95 21.27 -4.58
N ASN A 469 18.09 21.89 -4.22
CA ASN A 469 18.91 21.21 -3.29
C ASN A 469 18.26 20.89 -1.88
N GLN A 470 17.50 21.87 -1.41
CA GLN A 470 16.74 21.73 -0.21
C GLN A 470 15.70 20.62 -0.30
N TYR A 471 15.22 20.39 -1.51
CA TYR A 471 14.22 19.29 -1.69
C TYR A 471 14.73 17.96 -1.27
N LEU A 472 16.05 17.69 -1.38
CA LEU A 472 16.64 16.43 -1.00
C LEU A 472 16.41 16.03 0.42
N LEU A 473 16.12 16.99 1.30
CA LEU A 473 15.80 16.68 2.67
C LEU A 473 14.50 15.87 2.79
N TRP A 474 13.58 15.95 1.80
CA TRP A 474 12.48 15.04 1.82
C TRP A 474 12.84 13.55 1.69
N PHE A 475 14.06 13.26 1.12
CA PHE A 475 14.53 11.92 1.06
C PHE A 475 15.32 11.41 2.30
N SER A 476 15.98 12.34 2.95
CA SER A 476 16.82 12.03 4.08
C SER A 476 16.29 12.25 5.49
N GLN A 477 15.31 13.14 5.63
CA GLN A 477 14.81 13.52 6.97
C GLN A 477 13.61 12.77 7.33
N SER A 478 13.63 12.08 8.43
CA SER A 478 12.46 11.31 8.95
C SER A 478 11.58 12.24 9.75
N GLY A 479 10.35 11.74 9.95
CA GLY A 479 9.34 12.35 10.76
C GLY A 479 8.41 13.22 9.93
N THR A 480 7.28 13.51 10.55
CA THR A 480 6.22 14.36 9.86
C THR A 480 6.36 15.81 10.26
N PRO A 481 6.56 16.72 9.29
CA PRO A 481 6.49 18.15 9.65
C PRO A 481 5.15 18.59 10.23
N HIS A 482 5.19 19.56 11.13
CA HIS A 482 4.00 20.22 11.62
C HIS A 482 3.97 21.64 11.11
N VAL A 483 2.88 22.05 10.44
CA VAL A 483 2.76 23.38 9.87
C VAL A 483 1.61 24.07 10.53
N SER A 484 1.87 25.25 11.08
CA SER A 484 0.91 26.02 11.87
C SER A 484 0.81 27.41 11.34
N PHE A 485 -0.34 28.01 11.56
CA PHE A 485 -0.72 29.31 10.94
C PHE A 485 -1.25 30.35 11.93
N LYS A 486 -0.91 31.59 11.62
CA LYS A 486 -1.60 32.73 12.21
C LYS A 486 -1.99 33.71 11.12
N TYR A 487 -3.06 34.45 11.35
CA TYR A 487 -3.60 35.33 10.32
C TYR A 487 -3.79 36.78 10.76
N ASN A 488 -3.76 37.68 9.84
CA ASN A 488 -4.12 39.05 10.16
C ASN A 488 -4.77 39.69 8.92
N TYR A 489 -5.80 40.52 9.17
CA TYR A 489 -6.47 41.23 8.10
C TYR A 489 -6.52 42.73 8.42
N ASP A 490 -6.08 43.53 7.47
CA ASP A 490 -6.09 45.00 7.61
C ASP A 490 -7.23 45.47 6.68
N ALA A 491 -8.33 45.84 7.30
CA ALA A 491 -9.58 46.23 6.59
C ALA A 491 -9.40 47.52 5.80
N GLU A 492 -8.58 48.44 6.28
CA GLU A 492 -8.35 49.73 5.59
C GLU A 492 -7.51 49.48 4.36
N LYS A 493 -6.47 48.63 4.49
CA LYS A 493 -5.66 48.38 3.36
C LYS A 493 -6.12 47.26 2.43
N LYS A 494 -7.14 46.53 2.84
CA LYS A 494 -7.64 45.32 2.16
C LYS A 494 -6.49 44.32 1.93
N GLN A 495 -5.79 44.04 3.03
CA GLN A 495 -4.55 43.30 2.92
C GLN A 495 -4.51 42.23 4.04
N TYR A 496 -4.27 41.02 3.58
CA TYR A 496 -4.36 39.81 4.39
C TYR A 496 -3.03 39.13 4.46
N SER A 497 -2.68 38.69 5.65
CA SER A 497 -1.43 37.94 5.83
CA SER A 497 -1.45 37.95 5.85
C SER A 497 -1.65 36.58 6.44
N ILE A 498 -0.86 35.62 5.94
CA ILE A 498 -0.79 34.24 6.47
C ILE A 498 0.62 34.04 6.96
N HIS A 499 0.76 33.89 8.28
CA HIS A 499 2.06 33.65 8.89
C HIS A 499 2.19 32.13 9.14
N VAL A 500 3.25 31.50 8.66
CA VAL A 500 3.36 30.08 8.60
C VAL A 500 4.64 29.66 9.27
N ASN A 501 4.55 28.60 10.08
CA ASN A 501 5.68 28.01 10.76
C ASN A 501 5.79 26.53 10.50
N GLN A 502 7.01 25.98 10.33
CA GLN A 502 7.14 24.53 10.28
C GLN A 502 8.09 24.07 11.36
N TYR A 503 7.81 22.86 11.80
CA TYR A 503 8.61 22.18 12.86
C TYR A 503 8.60 20.68 12.57
N THR A 504 9.75 19.99 12.68
CA THR A 504 9.76 18.54 12.73
C THR A 504 10.38 18.15 14.06
N LYS A 505 9.74 17.20 14.73
CA LYS A 505 10.28 16.70 16.05
C LYS A 505 11.58 15.99 15.80
N PRO A 506 12.62 16.33 16.58
CA PRO A 506 13.81 15.47 16.60
C PRO A 506 13.51 14.00 16.95
N ASP A 507 14.37 13.13 16.41
CA ASP A 507 14.22 11.73 16.56
C ASP A 507 15.58 11.03 16.53
N GLU A 508 15.50 9.68 16.50
CA GLU A 508 16.71 8.86 16.48
C GLU A 508 17.59 9.05 15.24
N ASN A 509 16.95 9.45 14.15
CA ASN A 509 17.63 9.67 12.89
C ASN A 509 18.33 11.05 12.67
N GLN A 510 17.73 12.08 13.22
CA GLN A 510 18.31 13.40 13.23
C GLN A 510 18.00 14.05 14.58
N LYS A 511 19.04 14.48 15.26
CA LYS A 511 18.83 15.27 16.49
C LYS A 511 18.42 16.71 16.23
N GLU A 512 18.75 17.25 15.02
CA GLU A 512 18.35 18.57 14.61
C GLU A 512 17.71 18.46 13.24
N LYS A 513 16.52 18.94 13.14
CA LYS A 513 15.76 18.87 11.95
C LYS A 513 15.72 20.17 11.21
N LYS A 514 15.98 20.12 9.92
CA LYS A 514 16.05 21.30 9.06
C LYS A 514 14.69 21.59 8.42
N PRO A 515 14.45 22.84 8.06
CA PRO A 515 13.24 23.14 7.34
C PRO A 515 13.24 22.54 5.95
N LEU A 516 12.04 22.13 5.55
CA LEU A 516 11.78 21.56 4.26
C LEU A 516 11.24 22.56 3.27
N PHE A 517 11.29 22.21 1.99
CA PHE A 517 10.58 22.92 0.91
C PHE A 517 9.15 22.42 0.90
N ILE A 518 8.23 23.23 1.41
CA ILE A 518 6.83 22.81 1.63
C ILE A 518 5.92 23.62 0.75
N PRO A 519 5.29 23.00 -0.26
CA PRO A 519 4.34 23.71 -1.06
C PRO A 519 2.97 23.72 -0.46
N ILE A 520 2.39 24.95 -0.27
CA ILE A 520 1.12 25.12 0.38
C ILE A 520 0.12 25.69 -0.60
N SER A 521 -0.72 24.83 -1.17
CA SER A 521 -1.73 25.25 -2.13
CA SER A 521 -1.72 25.25 -2.14
C SER A 521 -2.85 25.91 -1.32
N VAL A 522 -3.26 27.12 -1.71
CA VAL A 522 -4.14 27.92 -0.89
C VAL A 522 -5.21 28.61 -1.72
N GLY A 523 -6.39 28.70 -1.13
CA GLY A 523 -7.46 29.58 -1.56
C GLY A 523 -7.91 30.46 -0.43
N LEU A 524 -8.76 31.45 -0.76
CA LEU A 524 -9.36 32.32 0.29
C LEU A 524 -10.83 32.39 0.01
N ILE A 525 -11.63 32.11 1.04
CA ILE A 525 -13.06 32.04 0.92
C ILE A 525 -13.66 33.26 1.64
N ASN A 526 -14.62 33.93 0.96
CA ASN A 526 -15.35 35.00 1.56
C ASN A 526 -16.44 34.39 2.44
N PRO A 527 -16.40 34.61 3.76
CA PRO A 527 -17.34 33.95 4.68
C PRO A 527 -18.73 34.45 4.63
N GLU A 528 -18.90 35.63 4.06
CA GLU A 528 -20.22 36.26 3.97
C GLU A 528 -21.04 35.69 2.82
N ASN A 529 -20.42 35.33 1.66
CA ASN A 529 -21.07 34.78 0.55
C ASN A 529 -20.59 33.40 0.07
N GLY A 530 -19.54 32.81 0.72
CA GLY A 530 -18.99 31.53 0.30
C GLY A 530 -18.16 31.47 -0.96
N LYS A 531 -17.81 32.61 -1.57
CA LYS A 531 -17.09 32.60 -2.83
C LYS A 531 -15.56 32.70 -2.74
N GLU A 532 -14.85 32.22 -3.73
CA GLU A 532 -13.42 32.28 -3.87
C GLU A 532 -12.94 33.73 -4.03
N MET A 533 -11.84 34.07 -3.42
CA MET A 533 -11.39 35.47 -3.44
C MET A 533 -10.10 35.65 -4.17
N ILE A 534 -9.31 34.61 -4.40
CA ILE A 534 -8.11 34.64 -5.21
C ILE A 534 -8.06 33.44 -6.21
N SER A 535 -7.22 33.63 -7.23
CA SER A 535 -6.84 32.48 -8.04
C SER A 535 -6.05 31.53 -7.14
N GLN A 536 -6.35 30.25 -7.15
CA GLN A 536 -5.51 29.41 -6.32
C GLN A 536 -3.98 29.59 -6.70
N THR A 537 -3.17 29.48 -5.69
CA THR A 537 -1.79 29.84 -5.67
C THR A 537 -1.13 28.84 -4.76
N THR A 538 0.12 28.59 -5.02
CA THR A 538 0.86 27.62 -4.28
C THR A 538 1.99 28.39 -3.64
N LEU A 539 1.93 28.56 -2.32
CA LEU A 539 2.98 29.22 -1.52
C LEU A 539 4.15 28.28 -1.33
N GLU A 540 5.37 28.77 -1.50
CA GLU A 540 6.56 27.96 -1.33
C GLU A 540 7.22 28.34 -0.01
N LEU A 541 6.98 27.54 0.98
CA LEU A 541 7.60 27.77 2.25
C LEU A 541 8.95 27.04 2.25
N THR A 542 10.02 27.78 2.48
CA THR A 542 11.35 27.16 2.47
C THR A 542 12.09 27.42 3.79
N LYS A 543 11.64 28.31 4.64
CA LYS A 543 12.25 28.61 5.90
C LYS A 543 11.43 27.99 7.04
N GLU A 544 11.96 28.12 8.23
CA GLU A 544 11.24 27.64 9.43
CA GLU A 544 11.25 27.72 9.47
C GLU A 544 9.96 28.45 9.60
N SER A 545 9.95 29.72 9.16
CA SER A 545 8.71 30.53 9.20
C SER A 545 8.75 31.62 8.11
N ASP A 546 7.58 32.05 7.68
CA ASP A 546 7.46 33.06 6.68
C ASP A 546 6.07 33.65 6.74
N THR A 547 5.91 34.87 6.25
CA THR A 547 4.65 35.58 6.19
C THR A 547 4.35 35.93 4.76
N PHE A 548 3.20 35.41 4.30
CA PHE A 548 2.70 35.61 2.90
C PHE A 548 1.59 36.58 2.93
N VAL A 549 1.69 37.66 2.13
CA VAL A 549 0.74 38.81 2.19
C VAL A 549 0.01 38.89 0.83
N PHE A 550 -1.26 39.16 0.95
CA PHE A 550 -2.16 39.27 -0.18
C PHE A 550 -2.81 40.63 -0.17
N ASN A 551 -2.74 41.30 -1.34
CA ASN A 551 -3.50 42.55 -1.49
C ASN A 551 -4.85 42.35 -2.19
N ASN A 552 -5.68 43.38 -2.16
CA ASN A 552 -6.97 43.45 -2.90
C ASN A 552 -7.88 42.32 -2.38
N ILE A 553 -7.82 42.17 -1.06
CA ILE A 553 -8.67 41.20 -0.33
C ILE A 553 -9.79 42.00 0.32
N ALA A 554 -10.98 41.92 -0.22
CA ALA A 554 -12.03 42.91 0.11
C ALA A 554 -12.68 42.81 1.47
N VAL A 555 -12.71 41.62 2.08
CA VAL A 555 -13.21 41.37 3.37
C VAL A 555 -12.29 40.36 4.05
N LYS A 556 -12.39 40.18 5.34
CA LYS A 556 -11.61 39.20 6.04
C LYS A 556 -12.02 37.81 5.50
N PRO A 557 -11.08 37.04 4.96
CA PRO A 557 -11.38 35.71 4.45
C PRO A 557 -11.27 34.62 5.49
N ILE A 558 -11.70 33.43 5.07
CA ILE A 558 -11.34 32.19 5.75
C ILE A 558 -10.38 31.48 4.80
N PRO A 559 -9.17 31.16 5.27
CA PRO A 559 -8.21 30.53 4.36
C PRO A 559 -8.48 29.04 4.14
N SER A 560 -8.29 28.61 2.90
CA SER A 560 -8.44 27.21 2.49
C SER A 560 -7.01 26.67 2.24
N LEU A 561 -6.48 25.96 3.24
CA LEU A 561 -5.04 25.63 3.36
C LEU A 561 -4.70 24.20 3.01
N PHE A 562 -3.59 24.07 2.26
CA PHE A 562 -3.12 22.75 1.80
C PHE A 562 -4.13 22.05 0.94
N ARG A 563 -4.67 22.75 -0.01
CA ARG A 563 -5.66 22.16 -0.93
C ARG A 563 -5.10 20.94 -1.62
N GLY A 564 -5.96 19.92 -1.67
CA GLY A 564 -5.54 18.67 -2.24
C GLY A 564 -4.58 17.88 -1.36
N PHE A 565 -4.38 18.36 -0.14
CA PHE A 565 -3.34 17.86 0.80
C PHE A 565 -1.96 17.98 0.16
N SER A 566 -1.52 19.21 0.03
CA SER A 566 -0.40 19.55 -0.84
C SER A 566 0.97 19.22 -0.27
N ALA A 567 1.08 18.83 0.98
CA ALA A 567 2.32 18.28 1.49
C ALA A 567 2.03 17.35 2.59
N PRO A 568 2.94 16.42 2.89
CA PRO A 568 2.64 15.35 3.91
C PRO A 568 3.00 15.81 5.29
N VAL A 569 2.08 16.56 5.87
CA VAL A 569 2.30 17.30 7.09
C VAL A 569 1.12 17.21 8.07
N TYR A 570 1.39 17.50 9.32
CA TYR A 570 0.32 17.79 10.31
C TYR A 570 -0.06 19.24 10.13
N ILE A 571 -1.33 19.52 9.90
CA ILE A 571 -1.78 20.89 9.68
C ILE A 571 -2.46 21.37 10.91
N GLU A 572 -2.01 22.51 11.45
CA GLU A 572 -2.67 23.21 12.57
C GLU A 572 -3.22 24.50 11.96
N ASP A 573 -4.52 24.46 11.62
CA ASP A 573 -5.19 25.59 10.91
C ASP A 573 -5.49 26.79 11.78
N ASN A 574 -5.49 26.62 13.09
CA ASN A 574 -5.81 27.72 14.01
C ASN A 574 -7.12 28.43 13.62
N LEU A 575 -8.04 27.62 13.07
CA LEU A 575 -9.40 28.16 12.75
C LEU A 575 -10.35 27.81 13.88
N THR A 576 -11.37 28.66 14.02
CA THR A 576 -12.47 28.28 14.92
C THR A 576 -13.33 27.24 14.30
N ASP A 577 -14.12 26.58 15.11
CA ASP A 577 -15.07 25.63 14.54
C ASP A 577 -16.08 26.30 13.60
N GLU A 578 -16.49 27.54 13.94
CA GLU A 578 -17.41 28.29 13.02
C GLU A 578 -16.76 28.48 11.63
N GLU A 579 -15.50 28.86 11.61
CA GLU A 579 -14.76 28.98 10.32
C GLU A 579 -14.66 27.65 9.58
N ARG A 580 -14.37 26.61 10.32
CA ARG A 580 -14.30 25.24 9.71
C ARG A 580 -15.60 24.79 9.12
N ILE A 581 -16.70 25.09 9.78
CA ILE A 581 -18.05 24.77 9.28
C ILE A 581 -18.30 25.55 7.97
N LEU A 582 -17.89 26.82 7.92
CA LEU A 582 -18.04 27.58 6.66
C LEU A 582 -17.23 26.97 5.52
N LEU A 583 -16.02 26.48 5.80
CA LEU A 583 -15.29 25.85 4.75
C LEU A 583 -15.97 24.57 4.35
N LEU A 584 -16.35 23.75 5.33
CA LEU A 584 -17.09 22.50 5.03
C LEU A 584 -18.22 22.75 4.09
N LYS A 585 -19.03 23.79 4.35
CA LYS A 585 -20.16 24.15 3.47
C LYS A 585 -19.77 24.72 2.12
N TYR A 586 -18.84 25.63 2.06
CA TYR A 586 -18.68 26.49 0.93
C TYR A 586 -17.39 26.33 0.20
N ASP A 587 -16.31 25.72 0.78
CA ASP A 587 -15.06 25.71 0.00
C ASP A 587 -15.19 24.82 -1.23
N SER A 588 -14.32 25.04 -2.21
CA SER A 588 -14.28 24.21 -3.41
C SER A 588 -13.49 22.91 -3.21
N ASP A 589 -12.48 22.93 -2.35
CA ASP A 589 -11.52 21.83 -2.24
C ASP A 589 -12.01 20.69 -1.39
N ALA A 590 -12.17 19.46 -1.94
CA ALA A 590 -12.66 18.35 -1.13
C ALA A 590 -11.78 18.08 0.06
N PHE A 591 -10.46 18.10 -0.13
CA PHE A 591 -9.61 17.83 1.01
C PHE A 591 -9.79 18.83 2.14
N VAL A 592 -9.81 20.12 1.79
CA VAL A 592 -9.93 21.11 2.85
C VAL A 592 -11.29 21.00 3.54
N ARG A 593 -12.33 20.74 2.78
CA ARG A 593 -13.65 20.60 3.40
C ARG A 593 -13.64 19.39 4.39
N TYR A 594 -13.09 18.28 3.90
CA TYR A 594 -12.97 17.07 4.69
C TYR A 594 -12.03 17.31 5.91
N ASN A 595 -10.93 18.03 5.69
CA ASN A 595 -9.99 18.25 6.80
C ASN A 595 -10.61 19.17 7.86
N SER A 596 -11.38 20.17 7.37
CA SER A 596 -12.02 21.08 8.32
C SER A 596 -12.96 20.29 9.20
N CYS A 597 -13.71 19.34 8.62
CA CYS A 597 -14.58 18.44 9.37
CA CYS A 597 -14.55 18.42 9.41
C CYS A 597 -13.74 17.57 10.37
N THR A 598 -12.65 16.99 9.84
CA THR A 598 -11.75 16.17 10.67
C THR A 598 -11.29 16.96 11.87
N ASN A 599 -10.90 18.21 11.64
CA ASN A 599 -10.42 19.03 12.74
C ASN A 599 -11.48 19.36 13.79
N ILE A 600 -12.73 19.54 13.34
CA ILE A 600 -13.81 19.71 14.30
C ILE A 600 -13.96 18.45 15.10
N TYR A 601 -13.95 17.28 14.45
CA TYR A 601 -14.05 16.03 15.21
C TYR A 601 -12.88 15.88 16.14
N MET A 602 -11.68 16.19 15.70
CA MET A 602 -10.55 15.97 16.59
C MET A 602 -10.62 16.84 17.85
N LYS A 603 -11.01 18.07 17.76
CA LYS A 603 -11.13 18.96 18.91
C LYS A 603 -12.11 18.37 19.87
N GLN A 604 -13.24 17.84 19.33
CA GLN A 604 -14.27 17.23 20.18
C GLN A 604 -13.72 16.00 20.80
N ILE A 605 -13.08 15.13 20.04
CA ILE A 605 -12.59 13.83 20.57
C ILE A 605 -11.56 14.11 21.70
N LEU A 606 -10.59 14.99 21.48
CA LEU A 606 -9.59 15.24 22.50
C LEU A 606 -10.30 15.80 23.77
N MET A 607 -11.26 16.69 23.60
CA MET A 607 -11.96 17.28 24.78
C MET A 607 -12.70 16.22 25.60
N ASN A 608 -13.49 15.41 24.92
CA ASN A 608 -14.29 14.37 25.58
C ASN A 608 -13.40 13.28 26.14
N TYR A 609 -12.31 12.95 25.42
CA TYR A 609 -11.35 11.96 25.93
C TYR A 609 -10.80 12.43 27.24
N ASN A 610 -10.38 13.70 27.30
CA ASN A 610 -9.84 14.27 28.53
CA ASN A 610 -9.77 14.16 28.52
C ASN A 610 -10.84 14.26 29.66
N GLU A 611 -12.11 14.56 29.34
CA GLU A 611 -13.18 14.57 30.36
C GLU A 611 -13.39 13.16 30.91
N PHE A 612 -13.55 12.15 30.08
CA PHE A 612 -13.69 10.75 30.48
C PHE A 612 -12.46 10.30 31.25
N LEU A 613 -11.30 10.67 30.77
CA LEU A 613 -10.08 10.22 31.44
C LEU A 613 -9.96 10.78 32.81
N LYS A 614 -10.21 12.04 32.97
CA LYS A 614 -10.14 12.63 34.31
C LYS A 614 -11.15 12.02 35.26
N ALA A 615 -12.34 11.78 34.77
CA ALA A 615 -13.38 11.14 35.60
C ALA A 615 -12.98 9.78 36.02
N LYS A 616 -12.29 9.03 35.16
CA LYS A 616 -11.91 7.66 35.44
C LYS A 616 -10.81 7.74 36.47
N ASN A 617 -9.85 8.62 36.25
CA ASN A 617 -8.63 8.61 37.13
C ASN A 617 -8.97 9.10 38.49
N GLU A 618 -9.88 10.08 38.55
CA GLU A 618 -10.23 10.67 39.85
C GLU A 618 -11.38 9.95 40.56
N LYS A 619 -11.88 8.86 39.94
CA LYS A 619 -13.03 8.07 40.38
C LYS A 619 -14.18 9.00 40.78
N LEU A 620 -14.47 9.96 39.93
CA LEU A 620 -15.55 10.92 40.17
C LEU A 620 -16.93 10.20 40.16
N GLU A 621 -17.84 10.72 40.98
CA GLU A 621 -19.23 10.22 41.05
C GLU A 621 -20.12 10.88 39.97
N SER A 622 -19.66 12.02 39.48
CA SER A 622 -20.42 12.80 38.47
C SER A 622 -19.46 13.77 37.79
N PHE A 623 -19.77 14.13 36.56
CA PHE A 623 -18.92 14.99 35.77
C PHE A 623 -19.67 15.44 34.51
N ASN A 624 -19.05 16.29 33.71
CA ASN A 624 -19.65 16.80 32.50
C ASN A 624 -18.90 16.36 31.26
N LEU A 625 -19.62 16.30 30.15
CA LEU A 625 -19.09 16.10 28.84
C LEU A 625 -19.43 17.28 27.98
N THR A 626 -18.47 17.79 27.20
CA THR A 626 -18.73 18.85 26.26
C THR A 626 -19.59 18.32 25.13
N PRO A 627 -20.76 18.96 24.82
CA PRO A 627 -21.53 18.41 23.74
C PRO A 627 -20.89 18.70 22.37
N VAL A 628 -21.31 17.92 21.41
CA VAL A 628 -20.92 18.14 20.04
C VAL A 628 -21.51 19.46 19.57
N ASN A 629 -20.80 20.26 18.81
CA ASN A 629 -21.20 21.56 18.30
C ASN A 629 -22.49 21.45 17.42
N ALA A 630 -23.53 22.19 17.80
CA ALA A 630 -24.79 22.00 17.19
C ALA A 630 -24.87 22.56 15.80
N GLN A 631 -24.09 23.58 15.52
CA GLN A 631 -24.01 24.14 14.20
C GLN A 631 -23.21 23.20 13.27
N PHE A 632 -22.27 22.43 13.82
CA PHE A 632 -21.62 21.42 13.04
C PHE A 632 -22.61 20.30 12.68
N ILE A 633 -23.42 19.86 13.61
CA ILE A 633 -24.40 18.87 13.28
C ILE A 633 -25.37 19.41 12.18
N ASP A 634 -25.74 20.68 12.35
CA ASP A 634 -26.66 21.31 11.36
C ASP A 634 -25.99 21.26 9.96
N ALA A 635 -24.69 21.52 9.93
CA ALA A 635 -23.94 21.52 8.67
C ALA A 635 -23.90 20.13 8.05
N ILE A 636 -23.70 19.09 8.85
CA ILE A 636 -23.76 17.71 8.39
C ILE A 636 -25.14 17.44 7.80
N LYS A 637 -26.17 17.84 8.48
CA LYS A 637 -27.58 17.62 7.98
C LYS A 637 -27.77 18.31 6.65
N TYR A 638 -27.32 19.53 6.54
CA TYR A 638 -27.42 20.33 5.26
C TYR A 638 -26.72 19.64 4.11
N LEU A 639 -25.50 19.14 4.35
CA LEU A 639 -24.80 18.48 3.28
CA LEU A 639 -24.76 18.38 3.35
C LEU A 639 -25.51 17.13 2.95
N LEU A 640 -25.94 16.38 3.92
CA LEU A 640 -26.56 15.08 3.63
C LEU A 640 -27.87 15.26 2.80
N GLU A 641 -28.60 16.32 3.12
CA GLU A 641 -29.93 16.64 2.46
C GLU A 641 -29.76 17.28 1.10
N ASP A 642 -28.55 17.64 0.73
CA ASP A 642 -28.30 18.30 -0.57
C ASP A 642 -28.22 17.21 -1.63
N PRO A 643 -29.23 17.14 -2.52
CA PRO A 643 -29.20 16.05 -3.48
C PRO A 643 -28.10 16.15 -4.54
N HIS A 644 -27.52 17.33 -4.69
CA HIS A 644 -26.47 17.58 -5.63
C HIS A 644 -25.07 17.42 -5.06
N ALA A 645 -24.96 17.12 -3.74
CA ALA A 645 -23.66 16.86 -3.12
C ALA A 645 -23.27 15.37 -3.34
N ASP A 646 -21.99 15.10 -3.17
CA ASP A 646 -21.40 13.84 -3.53
C ASP A 646 -21.60 12.79 -2.48
N ALA A 647 -22.07 11.62 -2.91
CA ALA A 647 -22.33 10.56 -1.93
C ALA A 647 -21.08 10.05 -1.26
N GLY A 648 -20.02 9.90 -2.00
CA GLY A 648 -18.78 9.48 -1.41
C GLY A 648 -18.26 10.44 -0.37
N PHE A 649 -18.37 11.70 -0.72
CA PHE A 649 -17.95 12.75 0.21
C PHE A 649 -18.77 12.71 1.52
N LYS A 650 -20.05 12.48 1.37
CA LYS A 650 -20.95 12.41 2.54
C LYS A 650 -20.54 11.27 3.48
N SER A 651 -20.04 10.18 2.88
CA SER A 651 -19.70 9.03 3.74
C SER A 651 -18.48 9.33 4.59
N TYR A 652 -17.61 10.23 4.10
CA TYR A 652 -16.46 10.66 4.85
C TYR A 652 -16.86 11.59 6.01
N ILE A 653 -17.92 12.37 5.87
CA ILE A 653 -18.28 13.38 6.89
C ILE A 653 -19.04 12.79 8.07
N VAL A 654 -19.79 11.70 7.86
CA VAL A 654 -20.53 11.08 8.94
C VAL A 654 -19.68 10.10 9.70
N SER A 655 -18.45 9.83 9.27
CA SER A 655 -17.57 8.92 9.99
C SER A 655 -16.55 9.74 10.77
N LEU A 656 -16.30 9.33 12.01
CA LEU A 656 -15.21 9.90 12.82
C LEU A 656 -13.86 9.51 12.19
N PRO A 657 -12.83 10.29 12.47
CA PRO A 657 -11.49 9.88 12.14
C PRO A 657 -11.11 8.53 12.70
N GLN A 658 -10.35 7.79 11.85
CA GLN A 658 -9.91 6.46 12.23
C GLN A 658 -9.05 6.48 13.49
N ASP A 659 -9.12 5.41 14.27
CA ASP A 659 -8.38 5.30 15.43
C ASP A 659 -6.84 5.55 15.31
N ARG A 660 -6.29 5.04 14.24
CA ARG A 660 -4.85 5.24 14.01
C ARG A 660 -4.54 6.69 13.65
N TYR A 661 -5.48 7.45 13.15
CA TYR A 661 -5.25 8.89 13.06
C TYR A 661 -5.28 9.57 14.39
N ILE A 662 -6.31 9.22 15.19
CA ILE A 662 -6.49 9.83 16.50
C ILE A 662 -5.30 9.62 17.40
N ILE A 663 -4.76 8.41 17.39
CA ILE A 663 -3.66 8.08 18.26
C ILE A 663 -2.43 8.97 18.00
N ASN A 664 -2.32 9.61 16.83
CA ASN A 664 -1.14 10.47 16.65
C ASN A 664 -1.22 11.70 17.53
N PHE A 665 -2.39 11.96 18.17
CA PHE A 665 -2.62 13.17 18.96
C PHE A 665 -2.74 12.95 20.45
N VAL A 666 -2.55 11.72 20.90
CA VAL A 666 -2.74 11.33 22.29
C VAL A 666 -1.55 10.52 22.72
N SER A 667 -0.97 10.92 23.86
CA SER A 667 0.06 10.05 24.46
C SER A 667 -0.56 9.28 25.63
N ASN A 668 -0.07 8.09 25.93
CA ASN A 668 -0.57 7.21 26.92
C ASN A 668 -2.09 6.95 26.75
N LEU A 669 -2.43 6.65 25.49
CA LEU A 669 -3.87 6.46 25.14
C LEU A 669 -4.48 5.29 25.86
N ASP A 670 -5.61 5.51 26.59
CA ASP A 670 -6.47 4.56 27.15
C ASP A 670 -7.53 4.21 26.10
N THR A 671 -7.44 3.00 25.55
CA THR A 671 -8.24 2.64 24.43
C THR A 671 -9.68 2.51 24.80
N ASP A 672 -9.98 2.16 26.06
CA ASP A 672 -11.36 2.03 26.53
CA ASP A 672 -11.33 2.03 26.46
C ASP A 672 -12.02 3.41 26.63
N VAL A 673 -11.24 4.37 27.12
CA VAL A 673 -11.69 5.77 27.21
C VAL A 673 -11.94 6.28 25.76
N LEU A 674 -11.05 5.96 24.84
CA LEU A 674 -11.29 6.40 23.47
C LEU A 674 -12.56 5.77 22.88
N ALA A 675 -12.75 4.49 23.14
CA ALA A 675 -13.94 3.80 22.67
C ALA A 675 -15.19 4.54 23.23
N ASP A 676 -15.15 4.86 24.52
CA ASP A 676 -16.29 5.56 25.14
C ASP A 676 -16.53 6.97 24.54
N THR A 677 -15.44 7.62 24.21
CA THR A 677 -15.47 8.93 23.58
C THR A 677 -16.14 8.89 22.24
N LYS A 678 -15.66 7.98 21.39
CA LYS A 678 -16.24 7.84 20.05
C LYS A 678 -17.75 7.50 20.15
N GLU A 679 -18.13 6.61 21.07
CA GLU A 679 -19.53 6.22 21.22
C GLU A 679 -20.40 7.40 21.62
N TYR A 680 -19.87 8.20 22.54
CA TYR A 680 -20.59 9.42 22.89
C TYR A 680 -20.86 10.34 21.79
N ILE A 681 -19.81 10.59 20.98
CA ILE A 681 -19.92 11.58 19.89
C ILE A 681 -20.89 11.01 18.85
N TYR A 682 -20.74 9.77 18.44
CA TYR A 682 -21.67 9.17 17.47
C TYR A 682 -23.13 9.27 17.97
N LYS A 683 -23.32 9.09 19.23
CA LYS A 683 -24.71 9.09 19.78
C LYS A 683 -25.25 10.47 19.83
N GLN A 684 -24.46 11.47 20.20
CA GLN A 684 -24.87 12.91 20.14
C GLN A 684 -25.30 13.26 18.76
N ILE A 685 -24.57 12.84 17.73
CA ILE A 685 -24.92 13.23 16.37
C ILE A 685 -26.17 12.45 15.92
N GLY A 686 -26.24 11.18 16.26
CA GLY A 686 -27.37 10.35 15.78
C GLY A 686 -28.61 10.82 16.44
N ASP A 687 -28.51 11.21 17.70
CA ASP A 687 -29.74 11.72 18.35
C ASP A 687 -30.39 12.83 17.60
N LYS A 688 -29.61 13.64 16.90
CA LYS A 688 -30.11 14.70 16.06
C LYS A 688 -30.41 14.20 14.65
N LEU A 689 -29.55 13.35 14.07
CA LEU A 689 -29.61 13.03 12.63
C LEU A 689 -30.15 11.68 12.21
N ASN A 690 -30.53 10.77 13.13
CA ASN A 690 -30.88 9.45 12.64
C ASN A 690 -32.07 9.42 11.72
N ASP A 691 -33.05 10.28 11.92
CA ASP A 691 -34.19 10.32 10.96
C ASP A 691 -33.73 10.72 9.56
N VAL A 692 -32.80 11.69 9.51
CA VAL A 692 -32.20 12.10 8.29
C VAL A 692 -31.47 10.93 7.66
N TYR A 693 -30.65 10.23 8.47
CA TYR A 693 -29.94 9.06 7.99
C TYR A 693 -30.87 7.99 7.40
N TYR A 694 -31.92 7.68 8.09
CA TYR A 694 -32.88 6.70 7.63
C TYR A 694 -33.53 7.18 6.29
N LYS A 695 -34.01 8.40 6.25
CA LYS A 695 -34.61 8.94 5.06
C LYS A 695 -33.64 8.83 3.86
N MET A 696 -32.36 9.15 4.07
CA MET A 696 -31.37 8.98 3.00
CA MET A 696 -31.37 9.02 2.99
C MET A 696 -31.07 7.55 2.64
N PHE A 697 -30.97 6.69 3.61
CA PHE A 697 -30.80 5.28 3.33
C PHE A 697 -31.89 4.77 2.39
N LYS A 698 -33.12 5.13 2.66
CA LYS A 698 -34.21 4.69 1.79
C LYS A 698 -34.22 5.38 0.45
N SER A 699 -33.96 6.65 0.41
CA SER A 699 -34.07 7.42 -0.84
C SER A 699 -32.97 7.10 -1.85
N LEU A 700 -31.81 6.73 -1.32
CA LEU A 700 -30.68 6.37 -2.19
C LEU A 700 -30.80 4.98 -2.79
N GLU A 701 -31.73 4.14 -2.33
CA GLU A 701 -31.84 2.73 -2.74
C GLU A 701 -31.92 2.58 -4.23
N ALA A 702 -32.79 3.34 -4.85
CA ALA A 702 -33.04 3.01 -6.26
C ALA A 702 -31.81 3.23 -7.09
N LYS A 703 -31.13 4.36 -6.93
CA LYS A 703 -29.94 4.62 -7.72
C LYS A 703 -28.75 3.80 -7.28
N ALA A 704 -28.63 3.59 -5.99
CA ALA A 704 -27.48 2.79 -5.47
C ALA A 704 -27.43 1.41 -5.92
N ASP A 705 -28.61 0.81 -6.01
CA ASP A 705 -28.71 -0.63 -6.23
C ASP A 705 -29.23 -0.96 -7.65
N ASP A 706 -29.35 0.03 -8.49
CA ASP A 706 -29.66 -0.20 -9.95
C ASP A 706 -28.70 -1.20 -10.55
N LEU A 707 -29.24 -2.05 -11.42
CA LEU A 707 -28.43 -3.13 -11.95
C LEU A 707 -27.84 -2.87 -13.30
N THR A 708 -27.81 -1.63 -13.77
CA THR A 708 -27.08 -1.31 -14.94
C THR A 708 -25.62 -1.75 -14.77
N TYR A 709 -25.12 -2.42 -15.81
CA TYR A 709 -23.73 -2.86 -15.88
C TYR A 709 -23.48 -4.09 -15.02
N PHE A 710 -24.52 -4.70 -14.44
CA PHE A 710 -24.26 -5.87 -13.56
C PHE A 710 -23.60 -7.09 -14.25
N ASN A 711 -23.74 -7.19 -15.59
CA ASN A 711 -23.18 -8.22 -16.39
C ASN A 711 -21.97 -7.74 -17.18
N ASP A 712 -21.56 -6.49 -16.97
CA ASP A 712 -20.47 -5.85 -17.73
C ASP A 712 -19.22 -5.71 -16.84
N GLU A 713 -18.26 -6.57 -17.13
CA GLU A 713 -17.04 -6.53 -16.33
C GLU A 713 -16.04 -5.64 -17.00
N SER A 714 -16.41 -4.77 -17.96
CA SER A 714 -15.51 -3.79 -18.48
C SER A 714 -15.76 -2.40 -18.04
N HIS A 715 -16.80 -2.17 -17.19
CA HIS A 715 -17.21 -0.85 -16.81
C HIS A 715 -17.74 -0.85 -15.39
N VAL A 716 -17.25 0.13 -14.61
CA VAL A 716 -17.67 0.36 -13.24
C VAL A 716 -18.08 1.80 -13.10
N ASP A 717 -19.30 1.99 -12.56
CA ASP A 717 -19.79 3.31 -12.15
C ASP A 717 -19.38 3.59 -10.68
N PHE A 718 -18.25 4.31 -10.57
CA PHE A 718 -17.68 4.61 -9.25
C PHE A 718 -18.55 5.55 -8.39
N ASP A 719 -19.35 6.39 -9.05
CA ASP A 719 -20.34 7.21 -8.33
CA ASP A 719 -20.33 7.22 -8.31
C ASP A 719 -21.39 6.34 -7.71
N GLN A 720 -21.90 5.38 -8.46
CA GLN A 720 -22.88 4.47 -7.94
C GLN A 720 -22.33 3.66 -6.76
N MET A 721 -21.06 3.22 -6.86
CA MET A 721 -20.42 2.53 -5.81
C MET A 721 -20.38 3.37 -4.55
N ASN A 722 -20.09 4.66 -4.72
CA ASN A 722 -20.02 5.57 -3.54
C ASN A 722 -21.42 5.71 -2.94
N MET A 723 -22.51 5.67 -3.77
CA MET A 723 -23.81 5.60 -3.20
C MET A 723 -24.09 4.37 -2.33
N ARG A 724 -23.59 3.20 -2.76
CA ARG A 724 -23.69 2.03 -1.89
C ARG A 724 -22.87 2.21 -0.61
N THR A 725 -21.67 2.75 -0.76
CA THR A 725 -20.84 3.02 0.42
C THR A 725 -21.57 3.87 1.42
N LEU A 726 -22.21 4.93 0.96
CA LEU A 726 -22.93 5.81 1.82
C LEU A 726 -24.06 5.02 2.43
N ARG A 727 -24.90 4.30 1.67
CA ARG A 727 -25.98 3.51 2.30
C ARG A 727 -25.45 2.59 3.37
N ASN A 728 -24.36 1.89 3.10
CA ASN A 728 -23.85 0.97 4.02
C ASN A 728 -23.26 1.61 5.27
N THR A 729 -22.70 2.81 5.13
CA THR A 729 -22.26 3.56 6.26
C THR A 729 -23.45 4.01 7.15
N LEU A 730 -24.50 4.53 6.52
CA LEU A 730 -25.70 4.91 7.22
C LEU A 730 -26.39 3.75 7.93
N LEU A 731 -26.41 2.59 7.26
CA LEU A 731 -27.02 1.43 7.87
C LEU A 731 -26.28 0.95 9.11
N SER A 732 -24.94 1.08 9.13
CA SER A 732 -24.17 0.76 10.29
C SER A 732 -24.54 1.73 11.43
N LEU A 733 -24.62 3.03 11.15
CA LEU A 733 -24.88 4.01 12.19
C LEU A 733 -26.27 3.75 12.79
N LEU A 734 -27.23 3.44 11.94
CA LEU A 734 -28.62 3.15 12.39
C LEU A 734 -28.76 1.88 13.16
N SER A 735 -27.99 0.88 12.79
CA SER A 735 -27.95 -0.36 13.47
CA SER A 735 -27.95 -0.37 13.50
C SER A 735 -27.36 -0.23 14.88
N LYS A 736 -26.23 0.47 14.99
CA LYS A 736 -25.56 0.67 16.26
C LYS A 736 -26.56 1.42 17.16
N ALA A 737 -27.28 2.36 16.57
CA ALA A 737 -28.27 3.15 17.33
C ALA A 737 -29.48 2.40 17.75
N GLN A 738 -29.71 1.22 17.22
CA GLN A 738 -30.98 0.47 17.43
C GLN A 738 -32.17 1.32 16.99
N TYR A 739 -32.05 1.92 15.83
CA TYR A 739 -33.09 2.70 15.25
C TYR A 739 -34.32 1.85 15.07
N PRO A 740 -35.53 2.38 15.37
CA PRO A 740 -36.72 1.52 15.36
C PRO A 740 -36.92 0.80 14.06
N ASN A 741 -37.07 -0.54 14.23
CA ASN A 741 -37.37 -1.49 13.17
C ASN A 741 -36.31 -1.59 12.10
N ILE A 742 -35.07 -1.15 12.42
CA ILE A 742 -34.01 -1.21 11.42
C ILE A 742 -33.67 -2.66 11.04
N LEU A 743 -33.98 -3.62 11.93
CA LEU A 743 -33.70 -5.02 11.64
C LEU A 743 -34.44 -5.39 10.38
N ASN A 744 -35.63 -4.82 10.12
CA ASN A 744 -36.30 -5.15 8.85
C ASN A 744 -35.51 -4.73 7.61
N GLU A 745 -34.91 -3.53 7.65
CA GLU A 745 -34.00 -3.10 6.63
C GLU A 745 -32.78 -4.00 6.49
N ILE A 746 -32.19 -4.46 7.62
CA ILE A 746 -31.01 -5.29 7.53
C ILE A 746 -31.35 -6.60 6.82
N ILE A 747 -32.53 -7.16 7.17
CA ILE A 747 -32.92 -8.41 6.55
C ILE A 747 -33.20 -8.26 5.06
N GLU A 748 -33.78 -7.15 4.65
CA GLU A 748 -34.00 -6.92 3.22
C GLU A 748 -32.68 -6.70 2.48
N HIS A 749 -31.81 -6.01 3.15
CA HIS A 749 -30.46 -5.72 2.61
C HIS A 749 -29.75 -7.00 2.37
N SER A 750 -29.95 -8.01 3.22
CA SER A 750 -29.26 -9.27 3.01
C SER A 750 -29.66 -10.04 1.74
N LYS A 751 -30.77 -9.60 1.14
CA LYS A 751 -31.29 -10.21 -0.09
C LYS A 751 -30.80 -9.52 -1.36
N SER A 752 -29.96 -8.48 -1.25
CA SER A 752 -29.51 -7.74 -2.36
C SER A 752 -28.58 -8.54 -3.20
N PRO A 753 -28.50 -8.30 -4.53
CA PRO A 753 -27.58 -9.06 -5.35
C PRO A 753 -26.12 -8.61 -5.15
N TYR A 754 -25.92 -7.40 -4.63
CA TYR A 754 -24.54 -6.89 -4.41
C TYR A 754 -23.87 -7.45 -3.18
N PRO A 755 -22.71 -8.15 -3.33
CA PRO A 755 -22.00 -8.58 -2.14
C PRO A 755 -21.65 -7.49 -1.14
N SER A 756 -21.35 -6.30 -1.59
CA SER A 756 -21.06 -5.17 -0.66
C SER A 756 -22.27 -5.00 0.28
N ASN A 757 -23.45 -5.16 -0.26
CA ASN A 757 -24.64 -5.02 0.60
C ASN A 757 -24.93 -6.23 1.48
N TRP A 758 -24.91 -7.42 0.89
CA TRP A 758 -25.19 -8.60 1.75
C TRP A 758 -24.14 -8.90 2.76
N LEU A 759 -22.85 -8.55 2.47
CA LEU A 759 -21.93 -8.65 3.56
C LEU A 759 -22.06 -7.57 4.64
N THR A 760 -22.44 -6.35 4.23
CA THR A 760 -22.79 -5.30 5.20
C THR A 760 -23.87 -5.82 6.15
N SER A 761 -24.85 -6.52 5.56
CA SER A 761 -25.96 -7.04 6.39
C SER A 761 -25.47 -7.88 7.52
N LEU A 762 -24.47 -8.68 7.27
CA LEU A 762 -23.87 -9.49 8.31
C LEU A 762 -23.21 -8.57 9.37
N SER A 763 -22.32 -7.67 8.92
CA SER A 763 -21.68 -6.72 9.88
C SER A 763 -22.65 -6.00 10.81
N VAL A 764 -23.64 -5.36 10.19
CA VAL A 764 -24.55 -4.52 10.95
C VAL A 764 -25.50 -5.36 11.80
N SER A 765 -25.72 -6.61 11.44
CA SER A 765 -26.54 -7.49 12.26
C SER A 765 -25.91 -7.89 13.60
N ALA A 766 -24.66 -7.57 13.83
CA ALA A 766 -23.98 -7.79 15.07
C ALA A 766 -24.72 -7.33 16.32
N TYR A 767 -25.50 -6.29 16.13
CA TYR A 767 -26.18 -5.54 17.17
C TYR A 767 -27.52 -6.17 17.41
N PHE A 768 -27.80 -7.33 16.80
CA PHE A 768 -29.11 -8.02 16.96
C PHE A 768 -28.87 -9.54 17.12
N ASP A 769 -29.91 -10.20 17.64
CA ASP A 769 -29.91 -11.63 17.82
C ASP A 769 -29.91 -12.37 16.50
N LYS A 770 -30.21 -11.70 15.41
CA LYS A 770 -30.22 -12.25 14.06
C LYS A 770 -28.80 -12.48 13.48
N TYR A 771 -27.76 -12.02 14.20
CA TYR A 771 -26.42 -12.20 13.66
C TYR A 771 -26.09 -13.66 13.28
N PHE A 772 -26.35 -14.66 14.16
CA PHE A 772 -25.91 -15.97 13.75
C PHE A 772 -26.71 -16.56 12.57
N GLU A 773 -27.97 -16.20 12.42
CA GLU A 773 -28.67 -16.59 11.15
C GLU A 773 -27.98 -15.97 9.91
N LEU A 774 -27.70 -14.69 9.97
CA LEU A 774 -27.01 -14.02 8.82
C LEU A 774 -25.57 -14.55 8.61
N TYR A 775 -24.90 -14.89 9.69
CA TYR A 775 -23.59 -15.56 9.62
C TYR A 775 -23.69 -16.83 8.76
N ASP A 776 -24.68 -17.69 9.05
CA ASP A 776 -24.84 -18.90 8.25
C ASP A 776 -25.33 -18.64 6.81
N LYS A 777 -26.25 -17.69 6.60
CA LYS A 777 -26.79 -17.39 5.34
C LYS A 777 -25.61 -16.90 4.43
N THR A 778 -24.82 -15.97 4.96
CA THR A 778 -23.76 -15.38 4.17
C THR A 778 -22.61 -16.32 3.92
N TYR A 779 -22.35 -17.19 4.88
CA TYR A 779 -21.35 -18.24 4.75
C TYR A 779 -21.72 -19.10 3.57
N LYS A 780 -22.98 -19.53 3.47
CA LYS A 780 -23.37 -20.33 2.35
C LYS A 780 -23.24 -19.61 1.01
N LEU A 781 -23.50 -18.30 1.02
CA LEU A 781 -23.33 -17.51 -0.20
C LEU A 781 -21.87 -17.36 -0.60
N SER A 782 -20.97 -17.52 0.36
CA SER A 782 -19.54 -17.12 0.14
C SER A 782 -18.64 -18.33 -0.08
N LYS A 783 -19.01 -19.51 0.40
CA LYS A 783 -18.08 -20.60 0.61
C LYS A 783 -17.50 -21.25 -0.63
N ASP A 784 -18.15 -21.02 -1.76
CA ASP A 784 -17.75 -21.70 -3.03
C ASP A 784 -16.92 -20.81 -3.92
N ASP A 785 -16.47 -19.64 -3.45
CA ASP A 785 -15.54 -18.81 -4.22
C ASP A 785 -14.44 -18.45 -3.20
N GLU A 786 -13.20 -18.79 -3.52
CA GLU A 786 -12.19 -18.62 -2.53
C GLU A 786 -12.04 -17.21 -2.00
N LEU A 787 -12.11 -16.24 -2.90
CA LEU A 787 -11.88 -14.88 -2.51
C LEU A 787 -13.09 -14.29 -1.80
N LEU A 788 -14.32 -14.66 -2.22
CA LEU A 788 -15.52 -14.25 -1.49
C LEU A 788 -15.53 -14.79 -0.06
N LEU A 789 -15.07 -16.04 0.11
CA LEU A 789 -14.99 -16.61 1.44
C LEU A 789 -14.00 -15.83 2.29
N GLN A 790 -12.86 -15.42 1.70
CA GLN A 790 -11.97 -14.56 2.48
C GLN A 790 -12.63 -13.21 2.84
N GLU A 791 -13.48 -12.64 1.95
CA GLU A 791 -14.19 -11.39 2.30
C GLU A 791 -15.21 -11.66 3.43
N TRP A 792 -15.82 -12.84 3.41
CA TRP A 792 -16.68 -13.27 4.53
C TRP A 792 -15.92 -13.39 5.83
N LEU A 793 -14.71 -13.96 5.77
CA LEU A 793 -13.89 -14.02 6.96
C LEU A 793 -13.56 -12.65 7.51
N LYS A 794 -13.20 -11.73 6.66
CA LYS A 794 -12.92 -10.33 7.10
C LYS A 794 -14.12 -9.69 7.78
N THR A 795 -15.29 -9.99 7.22
CA THR A 795 -16.61 -9.46 7.70
C THR A 795 -16.89 -9.94 9.10
N VAL A 796 -16.64 -11.23 9.31
CA VAL A 796 -16.84 -11.85 10.61
C VAL A 796 -15.84 -11.27 11.65
N SER A 797 -14.58 -11.25 11.21
CA SER A 797 -13.44 -10.77 12.03
C SER A 797 -13.64 -9.35 12.53
N ARG A 798 -14.20 -8.46 11.70
CA ARG A 798 -14.44 -7.08 12.02
C ARG A 798 -15.77 -6.83 12.75
N SER A 799 -16.57 -7.89 12.90
CA SER A 799 -17.93 -7.70 13.47
C SER A 799 -17.82 -7.21 14.93
N ASP A 800 -18.76 -6.30 15.29
CA ASP A 800 -18.72 -5.64 16.64
C ASP A 800 -19.53 -6.49 17.54
N ARG A 801 -18.90 -7.58 17.97
CA ARG A 801 -19.52 -8.65 18.76
C ARG A 801 -18.84 -8.71 20.11
N LYS A 802 -19.66 -8.79 21.16
CA LYS A 802 -19.10 -9.04 22.49
C LYS A 802 -18.45 -10.41 22.57
N ASP A 803 -18.92 -11.38 21.79
CA ASP A 803 -18.41 -12.71 21.77
C ASP A 803 -17.38 -12.97 20.66
N ILE A 804 -16.67 -11.93 20.26
CA ILE A 804 -15.72 -12.04 19.11
C ILE A 804 -14.63 -13.06 19.37
N TYR A 805 -14.17 -13.28 20.62
CA TYR A 805 -13.09 -14.22 20.81
C TYR A 805 -13.62 -15.68 20.58
N GLU A 806 -14.85 -15.98 20.95
CA GLU A 806 -15.42 -17.26 20.67
C GLU A 806 -15.72 -17.44 19.21
N ILE A 807 -16.03 -16.36 18.55
CA ILE A 807 -16.20 -16.38 17.10
C ILE A 807 -14.89 -16.69 16.40
N LEU A 808 -13.81 -16.06 16.84
CA LEU A 808 -12.51 -16.33 16.22
C LEU A 808 -12.14 -17.79 16.37
N LYS A 809 -12.40 -18.36 17.55
CA LYS A 809 -12.16 -19.80 17.72
C LYS A 809 -13.00 -20.66 16.79
N LYS A 810 -14.26 -20.26 16.57
CA LYS A 810 -15.11 -20.93 15.60
C LYS A 810 -14.52 -20.85 14.18
N LEU A 811 -14.04 -19.68 13.77
CA LEU A 811 -13.39 -19.59 12.46
C LEU A 811 -12.13 -20.41 12.34
N GLU A 812 -11.34 -20.46 13.40
CA GLU A 812 -10.14 -21.29 13.43
C GLU A 812 -10.54 -22.73 13.22
N ASN A 813 -11.55 -23.17 13.95
CA ASN A 813 -11.85 -24.62 13.91
C ASN A 813 -12.60 -25.06 12.70
N GLU A 814 -13.47 -24.19 12.18
CA GLU A 814 -14.34 -24.55 11.06
C GLU A 814 -13.93 -24.14 9.66
N VAL A 815 -13.12 -23.07 9.54
CA VAL A 815 -12.84 -22.52 8.25
C VAL A 815 -11.37 -22.37 7.97
N LEU A 816 -10.65 -21.72 8.88
CA LEU A 816 -9.20 -21.48 8.67
C LEU A 816 -8.41 -22.75 8.77
N LYS A 817 -8.68 -23.49 9.84
CA LYS A 817 -7.98 -24.75 10.08
C LYS A 817 -6.47 -24.56 9.86
N ASP A 818 -5.86 -25.41 9.04
CA ASP A 818 -4.38 -25.47 8.96
C ASP A 818 -3.84 -24.64 7.76
N SER A 819 -4.67 -23.73 7.23
CA SER A 819 -4.29 -23.02 6.03
C SER A 819 -3.00 -22.28 6.21
N LYS A 820 -2.12 -22.37 5.21
CA LYS A 820 -0.95 -21.51 5.13
C LYS A 820 -1.13 -20.43 4.10
N ASN A 821 -2.35 -20.22 3.62
CA ASN A 821 -2.62 -19.18 2.62
C ASN A 821 -2.61 -17.82 3.37
N PRO A 822 -1.68 -16.93 3.01
CA PRO A 822 -1.69 -15.64 3.70
C PRO A 822 -2.97 -14.87 3.63
N ASN A 823 -3.74 -15.05 2.53
CA ASN A 823 -5.01 -14.33 2.51
C ASN A 823 -5.99 -14.83 3.57
N ASP A 824 -5.92 -16.12 3.85
CA ASP A 824 -6.84 -16.69 4.87
C ASP A 824 -6.43 -16.21 6.27
N ILE A 825 -5.13 -16.26 6.56
CA ILE A 825 -4.63 -15.88 7.90
C ILE A 825 -4.87 -14.40 8.14
N ARG A 826 -4.59 -13.55 7.13
CA ARG A 826 -4.81 -12.14 7.26
C ARG A 826 -6.32 -11.81 7.46
N ALA A 827 -7.17 -12.51 6.72
CA ALA A 827 -8.61 -12.26 6.79
C ALA A 827 -9.18 -12.58 8.17
N VAL A 828 -8.71 -13.63 8.79
CA VAL A 828 -9.25 -14.02 10.07
C VAL A 828 -8.80 -13.04 11.17
N TYR A 829 -7.53 -12.59 11.17
CA TYR A 829 -6.98 -11.87 12.33
C TYR A 829 -6.88 -10.38 12.16
N LEU A 830 -6.53 -9.81 10.97
CA LEU A 830 -6.23 -8.37 10.96
C LEU A 830 -7.46 -7.52 11.28
N PRO A 831 -8.66 -7.80 10.70
CA PRO A 831 -9.79 -6.92 11.02
C PRO A 831 -10.08 -6.85 12.53
N PHE A 832 -10.02 -7.98 13.19
CA PHE A 832 -10.21 -8.13 14.61
C PHE A 832 -9.19 -7.26 15.34
N THR A 833 -7.94 -7.16 14.85
CA THR A 833 -7.01 -6.34 15.59
C THR A 833 -7.35 -4.83 15.63
N ASN A 834 -8.25 -4.36 14.72
CA ASN A 834 -8.73 -3.03 14.70
C ASN A 834 -9.96 -2.83 15.58
N ASN A 835 -10.37 -3.85 16.31
CA ASN A 835 -11.52 -3.74 17.27
C ASN A 835 -11.03 -3.11 18.56
N LEU A 836 -11.30 -1.83 18.70
CA LEU A 836 -10.65 -1.05 19.78
C LEU A 836 -10.94 -1.50 21.15
N ARG A 837 -12.20 -1.82 21.45
CA ARG A 837 -12.56 -2.44 22.72
C ARG A 837 -12.07 -3.80 22.96
N ARG A 838 -12.17 -4.71 21.97
CA ARG A 838 -11.88 -6.09 22.25
C ARG A 838 -10.43 -6.48 22.05
N PHE A 839 -9.77 -5.99 20.98
CA PHE A 839 -8.38 -6.36 20.76
C PHE A 839 -7.50 -5.85 21.93
N HIS A 840 -7.83 -4.64 22.43
CA HIS A 840 -7.08 -4.01 23.53
C HIS A 840 -7.67 -4.37 24.88
N ASP A 841 -8.37 -5.47 25.00
CA ASP A 841 -8.93 -5.93 26.29
C ASP A 841 -7.80 -5.89 27.34
N ILE A 842 -8.09 -5.24 28.46
CA ILE A 842 -7.06 -4.98 29.48
C ILE A 842 -6.39 -6.27 30.07
N SER A 843 -6.96 -7.46 29.96
CA SER A 843 -6.32 -8.74 30.23
C SER A 843 -5.08 -9.03 29.42
N GLY A 844 -4.99 -8.39 28.28
CA GLY A 844 -3.93 -8.66 27.32
C GLY A 844 -4.23 -9.84 26.39
N LYS A 845 -5.43 -10.40 26.50
CA LYS A 845 -5.76 -11.65 25.78
C LYS A 845 -5.69 -11.46 24.26
N GLY A 846 -5.96 -10.25 23.79
CA GLY A 846 -5.88 -9.97 22.34
C GLY A 846 -4.46 -9.98 21.88
N TYR A 847 -3.63 -9.33 22.67
CA TYR A 847 -2.19 -9.28 22.36
C TYR A 847 -1.59 -10.65 22.32
N LYS A 848 -1.94 -11.47 23.29
CA LYS A 848 -1.46 -12.83 23.39
C LYS A 848 -1.93 -13.65 22.21
N LEU A 849 -3.19 -13.49 21.76
CA LEU A 849 -3.74 -14.24 20.62
C LEU A 849 -2.95 -13.93 19.35
N ILE A 850 -2.77 -12.63 19.05
CA ILE A 850 -2.08 -12.29 17.82
C ILE A 850 -0.62 -12.70 17.90
N ALA A 851 0.03 -12.54 19.08
CA ALA A 851 1.41 -12.90 19.18
C ALA A 851 1.58 -14.44 18.94
N GLU A 852 0.66 -15.26 19.38
CA GLU A 852 0.75 -16.69 19.09
C GLU A 852 0.61 -16.94 17.62
N VAL A 853 -0.25 -16.21 16.93
CA VAL A 853 -0.38 -16.34 15.46
C VAL A 853 0.91 -15.95 14.78
N ILE A 854 1.51 -14.84 15.21
CA ILE A 854 2.70 -14.34 14.58
C ILE A 854 3.80 -15.40 14.71
N THR A 855 3.98 -15.92 15.92
CA THR A 855 5.01 -16.94 16.14
C THR A 855 4.77 -18.21 15.34
N LYS A 856 3.51 -18.63 15.31
CA LYS A 856 3.14 -19.79 14.46
C LYS A 856 3.49 -19.58 13.00
N THR A 857 3.10 -18.40 12.50
CA THR A 857 3.27 -18.13 11.06
C THR A 857 4.77 -17.96 10.70
N ASP A 858 5.55 -17.43 11.65
CA ASP A 858 6.95 -17.16 11.41
C ASP A 858 7.76 -18.46 11.09
N LYS A 859 7.19 -19.57 11.54
CA LYS A 859 7.88 -20.88 11.28
C LYS A 859 7.80 -21.29 9.84
N PHE A 860 6.87 -20.68 9.10
CA PHE A 860 6.81 -21.03 7.66
C PHE A 860 6.81 -19.82 6.69
N ASN A 861 6.42 -18.64 7.17
CA ASN A 861 6.40 -17.44 6.34
C ASN A 861 6.73 -16.21 7.14
N PRO A 862 8.03 -15.89 7.23
CA PRO A 862 8.49 -14.75 7.97
C PRO A 862 7.94 -13.41 7.51
N MET A 863 7.69 -13.26 6.20
CA MET A 863 7.23 -11.96 5.73
C MET A 863 5.80 -11.73 6.24
N VAL A 864 4.97 -12.74 6.17
CA VAL A 864 3.59 -12.63 6.63
C VAL A 864 3.54 -12.43 8.16
N ALA A 865 4.40 -13.13 8.88
CA ALA A 865 4.47 -12.96 10.30
C ALA A 865 4.78 -11.56 10.70
N THR A 866 5.68 -10.90 9.99
CA THR A 866 5.98 -9.48 10.24
C THR A 866 4.82 -8.60 9.91
N GLN A 867 4.07 -8.98 8.84
CA GLN A 867 2.82 -8.21 8.55
C GLN A 867 1.85 -8.24 9.72
N LEU A 868 1.74 -9.38 10.38
CA LEU A 868 0.82 -9.60 11.42
C LEU A 868 1.20 -8.87 12.72
N CYS A 869 2.44 -8.34 12.75
CA CYS A 869 2.90 -7.51 13.87
C CYS A 869 2.36 -6.13 13.86
N GLU A 870 1.67 -5.72 12.77
CA GLU A 870 1.17 -4.32 12.62
C GLU A 870 0.54 -3.71 13.83
N PRO A 871 -0.35 -4.42 14.55
CA PRO A 871 -1.00 -3.86 15.71
C PRO A 871 -0.07 -3.39 16.81
N PHE A 872 1.12 -3.98 16.86
CA PHE A 872 2.03 -3.63 17.95
C PHE A 872 2.81 -2.35 17.66
N LYS A 873 2.67 -1.78 16.46
CA LYS A 873 3.47 -0.60 16.11
C LYS A 873 3.21 0.57 17.00
N LEU A 874 2.01 0.66 17.53
CA LEU A 874 1.63 1.77 18.38
C LEU A 874 1.87 1.51 19.86
N TRP A 875 2.61 0.46 20.21
CA TRP A 875 2.67 0.06 21.60
C TRP A 875 3.12 1.16 22.58
N ASN A 876 4.05 1.99 22.19
CA ASN A 876 4.57 3.01 23.08
C ASN A 876 3.71 4.26 23.14
N LYS A 877 2.57 4.21 22.45
CA LYS A 877 1.54 5.28 22.47
C LYS A 877 0.44 4.94 23.46
N LEU A 878 0.39 3.75 24.04
CA LEU A 878 -0.73 3.31 24.83
C LEU A 878 -0.52 3.71 26.28
N ASP A 879 -1.57 3.54 27.11
CA ASP A 879 -1.44 3.72 28.53
C ASP A 879 -0.43 2.72 29.11
N THR A 880 0.15 3.02 30.26
CA THR A 880 1.30 2.23 30.70
C THR A 880 1.00 0.72 30.97
N LYS A 881 -0.22 0.33 31.32
CA LYS A 881 -0.52 -1.04 31.47
C LYS A 881 -0.57 -1.83 30.13
N ARG A 882 -1.23 -1.24 29.15
CA ARG A 882 -1.20 -1.84 27.82
C ARG A 882 0.18 -1.82 27.19
N GLN A 883 0.96 -0.77 27.36
CA GLN A 883 2.38 -0.80 26.92
C GLN A 883 3.09 -2.01 27.47
N GLU A 884 2.94 -2.26 28.76
CA GLU A 884 3.62 -3.39 29.46
C GLU A 884 3.15 -4.77 28.89
N LEU A 885 1.86 -4.89 28.69
CA LEU A 885 1.28 -6.12 28.09
C LEU A 885 1.82 -6.36 26.68
N MET A 886 1.83 -5.33 25.84
CA MET A 886 2.37 -5.48 24.47
C MET A 886 3.85 -5.81 24.48
N LEU A 887 4.59 -5.08 25.31
CA LEU A 887 5.98 -5.32 25.43
C LEU A 887 6.31 -6.74 25.89
N ASN A 888 5.53 -7.23 26.80
CA ASN A 888 5.67 -8.61 27.32
CA ASN A 888 5.78 -8.56 27.31
C ASN A 888 5.55 -9.58 26.17
N GLU A 889 4.53 -9.39 25.34
CA GLU A 889 4.36 -10.27 24.20
C GLU A 889 5.43 -10.15 23.17
N MET A 890 5.90 -8.92 22.82
CA MET A 890 6.93 -8.75 21.90
C MET A 890 8.23 -9.44 22.36
N ASN A 891 8.56 -9.27 23.62
CA ASN A 891 9.77 -9.91 24.10
C ASN A 891 9.63 -11.45 24.15
N THR A 892 8.44 -11.96 24.47
CA THR A 892 8.15 -13.42 24.32
C THR A 892 8.40 -13.92 22.93
N MET A 893 7.92 -13.15 21.93
CA MET A 893 8.17 -13.55 20.55
C MET A 893 9.63 -13.55 20.21
N LEU A 894 10.38 -12.56 20.72
CA LEU A 894 11.80 -12.43 20.47
C LEU A 894 12.60 -13.61 21.06
N GLN A 895 12.03 -14.25 22.06
CA GLN A 895 12.63 -15.45 22.77
C GLN A 895 12.34 -16.73 22.06
N GLU A 896 11.55 -16.67 21.00
CA GLU A 896 11.20 -17.92 20.36
C GLU A 896 12.41 -18.52 19.70
N PRO A 897 12.65 -19.83 19.98
CA PRO A 897 13.75 -20.36 19.20
C PRO A 897 13.54 -20.39 17.65
N ASN A 898 14.62 -20.15 16.94
CA ASN A 898 14.71 -20.08 15.48
C ASN A 898 13.78 -19.02 14.83
N ILE A 899 13.56 -17.97 15.58
CA ILE A 899 12.90 -16.78 15.02
C ILE A 899 13.60 -16.30 13.78
N SER A 900 12.82 -15.95 12.77
CA SER A 900 13.36 -15.51 11.56
C SER A 900 14.14 -14.20 11.68
N ASN A 901 15.06 -13.94 10.76
CA ASN A 901 15.75 -12.66 10.79
C ASN A 901 14.78 -11.53 10.57
N ASN A 902 13.77 -11.74 9.69
CA ASN A 902 12.75 -10.72 9.38
C ASN A 902 12.06 -10.28 10.66
N LEU A 903 11.56 -11.25 11.40
CA LEU A 903 10.77 -10.92 12.61
C LEU A 903 11.64 -10.35 13.75
N LYS A 904 12.76 -11.00 13.97
CA LYS A 904 13.71 -10.54 14.96
C LYS A 904 14.15 -9.11 14.71
N GLU A 905 14.61 -8.75 13.50
CA GLU A 905 14.98 -7.34 13.19
C GLU A 905 13.80 -6.39 13.47
N TYR A 906 12.63 -6.77 12.99
CA TYR A 906 11.48 -5.90 13.18
C TYR A 906 11.19 -5.60 14.64
N LEU A 907 11.16 -6.68 15.44
CA LEU A 907 10.82 -6.57 16.84
C LEU A 907 11.93 -5.87 17.68
N LEU A 908 13.19 -6.11 17.27
CA LEU A 908 14.30 -5.38 17.99
C LEU A 908 14.21 -3.89 17.73
N ARG A 909 13.92 -3.50 16.51
CA ARG A 909 13.75 -2.08 16.18
CA ARG A 909 13.73 -2.08 16.17
C ARG A 909 12.52 -1.50 16.89
N LEU A 910 11.39 -2.20 16.80
CA LEU A 910 10.17 -1.68 17.38
C LEU A 910 10.26 -1.50 18.90
N THR A 911 11.02 -2.38 19.58
CA THR A 911 11.16 -2.33 21.05
C THR A 911 12.35 -1.51 21.52
N ASN A 912 13.04 -0.79 20.61
CA ASN A 912 14.11 0.15 20.93
C ASN A 912 15.23 -0.63 21.53
N LYS A 913 15.61 -1.74 20.86
CA LYS A 913 16.93 -2.38 21.06
C LYS A 913 17.82 -2.25 19.81
N LEU A 914 17.30 -1.83 18.65
CA LEU A 914 18.13 -1.75 17.38
C LEU A 914 17.88 -0.53 16.49
ZN ZN B . 5.58 -1.52 -6.70
MG MG C . 16.34 -26.02 -0.47
MG MG D . -7.50 -22.27 -0.27
C1 8LO E . 1.34 -0.67 -2.79
CG2 8LO E . 0.91 -1.60 -1.70
CB 8LO E . 2.09 -1.85 -0.85
CG1 8LO E . 2.46 -0.78 -0.03
CD1 8LO E . 3.53 -0.88 0.85
C6 8LO E . 4.20 -2.10 0.84
C 8LO E . 3.86 -3.21 0.05
C8 8LO E . 4.71 -4.46 0.18
C9 8LO E . 4.69 -5.04 1.59
CA 8LO E . 2.78 -3.06 -0.82
N 8LO E . 2.27 -4.10 -1.76
C11 8LO E . 2.85 -4.73 -2.86
O1 8LO E . 2.14 -5.56 -3.46
N2 8LO E . 4.14 -4.32 -3.12
C12 8LO E . 4.89 -4.92 -4.11
C13 8LO E . 6.13 -5.38 -3.53
C14 8LO E . 6.73 -6.46 -4.34
C15 8LO E . 6.17 -7.85 -4.13
C16 8LO E . 8.15 -6.64 -3.94
C17 8LO E . 5.21 -4.03 -5.25
O2 8LO E . 5.39 -2.75 -5.08
N3 8LO E . 4.76 -4.38 -6.39
O3 8LO E . 5.08 -3.60 -7.48
C1 GOL F . -1.15 0.53 -4.21
O1 GOL F . 0.04 1.23 -4.02
C2 GOL F . -2.23 1.54 -3.78
O2 GOL F . -1.40 2.52 -3.17
C3 GOL F . -3.28 1.00 -2.89
O3 GOL F . -2.61 0.13 -2.03
C1 GOL G . -0.37 43.61 6.72
O1 GOL G . -0.97 44.28 5.71
C2 GOL G . -1.05 42.27 6.98
O2 GOL G . -2.50 41.98 6.89
C3 GOL G . -0.45 42.10 8.35
O3 GOL G . -1.05 40.99 8.83
#